data_1OIJ
#
_entry.id   1OIJ
#
_cell.length_a   72.447
_cell.length_b   144.876
_cell.length_c   160.692
_cell.angle_alpha   90.00
_cell.angle_beta   90.00
_cell.angle_gamma   90.00
#
_symmetry.space_group_name_H-M   'P 21 21 21'
#
loop_
_entity.id
_entity.type
_entity.pdbx_description
1 polymer 'PUTATIVE ALKYLSULFATASE ATSK'
2 polymer 'PUTATIVE ALKYLSULFATASE ATSK'
3 polymer 'PUTATIVE ALKYLSULFATASE ATSK'
4 non-polymer 'SODIUM ION'
5 non-polymer '2-OXOGLUTARIC ACID'
6 water water
#
loop_
_entity_poly.entity_id
_entity_poly.type
_entity_poly.pdbx_seq_one_letter_code
_entity_poly.pdbx_strand_id
1 'polypeptide(L)'
;MSNAALATAPHALELDVHPVAGRIGAEIRGVKLSPDLDAATVEAIQAALVRHKVIFFRGQTHLDDQSQEGFAKLLGEPVA
HPTVPVVDGTRYLLQLDGAQGQRANSWHTDVTFVEAYPKASILRSVVAPASGGDTVWANTAAAYQELPEPLRELADKLWA
VHSNRYDYASLKPDIDPAKLERHRKVFTSTVYETEHPVVRVHPISGERALQLGHFVKRIKGYSLADSQHLFAVLQGHVTR
LENTVRWRWEAGDVAIWDNRATQHYAVDDYGTQPRIVRRVTLAGEVPVGVDGQLSRTTRKG
;
A
2 'polypeptide(L)'
;MSNAALATAPHALELDVHPVAGRIGAEIRGVKLSPDLDAATVEAIQAALVRHKVIFFRGQTHLDDQSQEGFAKLLGEPVA
HPTVPVVDGTRYLLQLDGAQGQRANSWHTDVTFVEAYPKASILRSVVAPASGGDTVWANTAAAYQELPEPLRELADKLWA
VHSNEYDYASLKPDIDPAKLERHRKVFTSTVYETEHPVVRVHPISGERALQLGHFVKRIKGYSLADSQHLFAVLQGHVTR
LENTVRWRWEAGDVAIWDNRATQHYAVDDYGTQPRIVRRVTLAGEVPVGVDGQLSRTTRKG
;
B,D
3 'polypeptide(L)'
;MSNAALATAPHALELDVHPVAGRIGAEIRGVKLSPDLDAATVEAIQAALVRHKVIFFRGQTHLDDQSQEGFAKLLGEPVA
HPTVPVVDGTRYLLQLDGAQGQRANSWHTDVTFVEAYPKASILRSVVAPASGGDTVWANTAAAYQELPEPLRELADKLWA
VHSNEYDYASLKPDIDPAKLERHRKVFTSTVYETEHPVVRVHPISGERALQLGHFVKRIKGYSLADSQHLFAVLQGHVTR
LENTVRWRWEAGDVAIWDNRATQHYAVDDYGTQPRIVRRVTLAGEVPVGVDGYLSRTTRKG
;
C
#
# COMPACT_ATOMS: atom_id res chain seq x y z
N LEU A 13 -9.38 -21.03 -30.60
CA LEU A 13 -9.75 -20.65 -29.19
C LEU A 13 -10.14 -19.20 -29.14
N GLU A 14 -11.33 -18.96 -28.58
CA GLU A 14 -11.89 -17.61 -28.47
C GLU A 14 -12.02 -17.17 -27.00
N LEU A 15 -11.21 -16.21 -26.61
CA LEU A 15 -11.28 -15.63 -25.27
C LEU A 15 -12.52 -14.75 -25.13
N ASP A 16 -12.92 -14.54 -23.87
CA ASP A 16 -14.02 -13.61 -23.59
C ASP A 16 -13.50 -12.15 -23.57
N VAL A 17 -13.49 -11.51 -24.74
CA VAL A 17 -12.75 -10.24 -24.94
C VAL A 17 -13.76 -9.08 -24.99
N HIS A 18 -13.51 -8.04 -24.18
CA HIS A 18 -14.39 -6.87 -24.08
C HIS A 18 -13.61 -5.55 -24.32
N PRO A 19 -13.67 -5.05 -25.56
CA PRO A 19 -13.05 -3.76 -25.92
C PRO A 19 -13.47 -2.66 -24.97
N VAL A 20 -12.51 -1.81 -24.64
CA VAL A 20 -12.65 -0.76 -23.63
C VAL A 20 -12.91 0.59 -24.34
N ALA A 21 -12.05 1.03 -25.24
CA ALA A 21 -12.34 2.22 -26.05
C ALA A 21 -12.47 1.78 -27.51
N GLY A 22 -12.83 2.68 -28.39
CA GLY A 22 -13.12 2.25 -29.76
C GLY A 22 -11.90 1.82 -30.55
N ARG A 23 -10.70 2.38 -30.30
CA ARG A 23 -9.53 2.07 -31.12
C ARG A 23 -8.37 1.39 -30.40
N ILE A 24 -8.54 1.11 -29.12
CA ILE A 24 -7.45 0.48 -28.35
C ILE A 24 -7.99 -0.07 -27.04
N GLY A 25 -7.42 -1.20 -26.56
CA GLY A 25 -7.75 -1.65 -25.23
C GLY A 25 -8.85 -2.70 -25.19
N ALA A 26 -8.63 -3.79 -24.42
CA ALA A 26 -9.68 -4.77 -24.24
C ALA A 26 -9.45 -5.52 -22.93
N GLU A 27 -10.52 -5.71 -22.18
CA GLU A 27 -10.51 -6.53 -21.01
C GLU A 27 -10.75 -7.98 -21.41
N ILE A 28 -9.97 -8.89 -20.83
CA ILE A 28 -10.19 -10.32 -21.09
C ILE A 28 -10.68 -10.95 -19.77
N ARG A 29 -11.84 -11.62 -19.83
CA ARG A 29 -12.47 -12.24 -18.66
C ARG A 29 -12.29 -13.77 -18.69
N GLY A 30 -12.41 -14.44 -17.55
CA GLY A 30 -12.45 -15.89 -17.54
C GLY A 30 -11.09 -16.51 -17.59
N VAL A 31 -10.05 -15.71 -17.38
CA VAL A 31 -8.68 -16.19 -17.47
C VAL A 31 -7.93 -15.84 -16.17
N LYS A 32 -7.42 -16.91 -15.55
CA LYS A 32 -6.58 -16.78 -14.37
C LYS A 32 -5.14 -16.90 -14.82
N LEU A 33 -4.41 -15.77 -14.80
CA LEU A 33 -3.04 -15.76 -15.22
C LEU A 33 -2.19 -16.62 -14.25
N SER A 34 -1.25 -17.39 -14.80
CA SER A 34 -0.31 -18.19 -14.02
C SER A 34 0.78 -18.74 -14.93
N PRO A 35 1.80 -19.33 -14.33
CA PRO A 35 2.85 -20.00 -15.10
C PRO A 35 2.32 -21.27 -15.83
N ASP A 36 1.08 -21.68 -15.54
CA ASP A 36 0.59 -22.98 -16.02
C ASP A 36 -0.38 -22.90 -17.17
N LEU A 37 -0.59 -21.71 -17.71
CA LEU A 37 -1.53 -21.54 -18.82
C LEU A 37 -1.12 -22.43 -20.01
N ASP A 38 -2.08 -23.00 -20.73
CA ASP A 38 -1.72 -23.85 -21.88
C ASP A 38 -1.39 -23.04 -23.16
N ALA A 39 -0.91 -23.73 -24.20
CA ALA A 39 -0.40 -23.07 -25.38
C ALA A 39 -1.51 -22.27 -26.12
N ALA A 40 -2.72 -22.81 -26.10
CA ALA A 40 -3.81 -22.21 -26.84
C ALA A 40 -4.19 -20.86 -26.16
N THR A 41 -4.15 -20.86 -24.83
CA THR A 41 -4.46 -19.70 -24.06
C THR A 41 -3.39 -18.64 -24.24
N VAL A 42 -2.12 -19.03 -24.10
CA VAL A 42 -1.02 -18.12 -24.35
C VAL A 42 -1.09 -17.54 -25.79
N GLU A 43 -1.38 -18.37 -26.78
CA GLU A 43 -1.45 -17.87 -28.18
C GLU A 43 -2.59 -16.85 -28.37
N ALA A 44 -3.73 -17.13 -27.79
CA ALA A 44 -4.89 -16.27 -27.86
C ALA A 44 -4.61 -14.92 -27.13
N ILE A 45 -3.96 -14.98 -25.98
CA ILE A 45 -3.47 -13.77 -25.32
C ILE A 45 -2.54 -12.93 -26.18
N GLN A 46 -1.57 -13.60 -26.84
CA GLN A 46 -0.61 -12.88 -27.69
C GLN A 46 -1.34 -12.22 -28.88
N ALA A 47 -2.33 -12.92 -29.45
CA ALA A 47 -3.09 -12.39 -30.57
C ALA A 47 -3.93 -11.18 -30.13
N ALA A 48 -4.55 -11.26 -28.95
CA ALA A 48 -5.37 -10.18 -28.42
C ALA A 48 -4.50 -8.98 -28.09
N LEU A 49 -3.29 -9.25 -27.60
CA LEU A 49 -2.30 -8.22 -27.36
C LEU A 49 -1.91 -7.42 -28.63
N VAL A 50 -1.57 -8.13 -29.69
CA VAL A 50 -1.23 -7.49 -30.95
C VAL A 50 -2.42 -6.66 -31.50
N ARG A 51 -3.63 -7.24 -31.43
CA ARG A 51 -4.78 -6.62 -31.99
C ARG A 51 -5.24 -5.38 -31.20
N HIS A 52 -5.22 -5.48 -29.87
CA HIS A 52 -5.82 -4.46 -29.01
C HIS A 52 -4.83 -3.54 -28.36
N LYS A 53 -3.53 -3.89 -28.50
CA LYS A 53 -2.39 -3.08 -28.03
C LYS A 53 -2.19 -3.04 -26.53
N VAL A 54 -3.27 -3.02 -25.76
CA VAL A 54 -3.17 -3.18 -24.31
C VAL A 54 -4.39 -3.99 -23.93
N ILE A 55 -4.15 -5.02 -23.10
CA ILE A 55 -5.19 -5.89 -22.58
C ILE A 55 -5.16 -5.94 -21.06
N PHE A 56 -6.32 -6.18 -20.47
CA PHE A 56 -6.51 -6.05 -19.06
C PHE A 56 -7.13 -7.32 -18.50
N PHE A 57 -6.60 -7.75 -17.35
CA PHE A 57 -7.17 -8.88 -16.60
C PHE A 57 -7.49 -8.44 -15.18
N ARG A 58 -8.74 -8.57 -14.74
CA ARG A 58 -9.08 -8.14 -13.40
C ARG A 58 -9.15 -9.33 -12.43
N GLY A 59 -9.05 -9.04 -11.13
CA GLY A 59 -9.33 -10.04 -10.12
C GLY A 59 -8.27 -11.11 -10.07
N GLN A 60 -7.02 -10.75 -10.37
CA GLN A 60 -5.91 -11.71 -10.39
C GLN A 60 -5.26 -11.72 -9.01
N THR A 61 -6.06 -11.92 -7.98
CA THR A 61 -5.55 -11.68 -6.62
C THR A 61 -4.64 -12.82 -6.07
N HIS A 62 -4.69 -13.95 -6.75
CA HIS A 62 -3.83 -15.10 -6.52
C HIS A 62 -2.41 -14.87 -7.05
N LEU A 63 -2.22 -13.89 -7.94
CA LEU A 63 -0.92 -13.71 -8.57
C LEU A 63 0.04 -13.12 -7.58
N ASP A 64 1.18 -13.75 -7.37
CA ASP A 64 2.13 -13.08 -6.52
C ASP A 64 3.34 -12.83 -7.38
N ASP A 65 4.39 -12.33 -6.76
CA ASP A 65 5.61 -11.99 -7.49
C ASP A 65 6.17 -13.11 -8.34
N GLN A 66 6.24 -14.32 -7.77
CA GLN A 66 6.85 -15.45 -8.46
C GLN A 66 5.94 -15.93 -9.60
N SER A 67 4.63 -16.01 -9.34
CA SER A 67 3.76 -16.44 -10.40
C SER A 67 3.58 -15.40 -11.53
N GLN A 68 3.71 -14.09 -11.21
CA GLN A 68 3.70 -13.03 -12.23
C GLN A 68 4.92 -13.20 -13.12
N GLU A 69 6.05 -13.50 -12.51
CA GLU A 69 7.27 -13.71 -13.28
C GLU A 69 7.16 -14.99 -14.12
N GLY A 70 6.57 -16.04 -13.56
CA GLY A 70 6.46 -17.30 -14.27
C GLY A 70 5.50 -17.19 -15.43
N PHE A 71 4.41 -16.42 -15.23
CA PHE A 71 3.47 -16.16 -16.32
C PHE A 71 4.15 -15.39 -17.44
N ALA A 72 4.95 -14.38 -17.08
CA ALA A 72 5.65 -13.52 -18.04
C ALA A 72 6.60 -14.31 -18.96
N LYS A 73 7.29 -15.30 -18.40
CA LYS A 73 8.15 -16.16 -19.21
C LYS A 73 7.37 -16.86 -20.34
N LEU A 74 6.08 -17.07 -20.19
CA LEU A 74 5.32 -17.67 -21.25
C LEU A 74 5.17 -16.74 -22.47
N LEU A 75 5.35 -15.43 -22.28
CA LEU A 75 5.11 -14.46 -23.37
C LEU A 75 6.41 -13.97 -23.98
N GLY A 76 7.53 -14.13 -23.28
CA GLY A 76 8.81 -13.69 -23.80
C GLY A 76 9.91 -13.85 -22.77
N GLU A 77 11.05 -13.21 -23.00
CA GLU A 77 12.17 -13.31 -22.10
C GLU A 77 12.24 -12.07 -21.19
N PRO A 78 12.05 -12.21 -19.88
CA PRO A 78 12.14 -11.06 -18.97
C PRO A 78 13.50 -10.42 -19.03
N VAL A 79 13.60 -9.11 -18.85
CA VAL A 79 14.91 -8.46 -18.82
C VAL A 79 15.27 -8.11 -17.36
N ALA A 80 16.57 -8.16 -17.02
CA ALA A 80 17.06 -7.82 -15.65
C ALA A 80 17.24 -6.32 -15.31
N PRO A 85 17.60 -3.12 -9.20
CA PRO A 85 17.11 -3.47 -7.85
C PRO A 85 15.66 -4.04 -7.86
N VAL A 86 15.54 -5.36 -7.63
CA VAL A 86 14.31 -6.12 -7.88
C VAL A 86 13.59 -6.55 -6.60
N VAL A 87 12.28 -6.84 -6.74
CA VAL A 87 11.47 -7.44 -5.67
C VAL A 87 12.08 -8.75 -5.14
N ASP A 88 12.26 -8.82 -3.81
CA ASP A 88 12.84 -10.00 -3.15
C ASP A 88 12.11 -11.27 -3.53
N GLY A 89 12.90 -12.31 -3.80
CA GLY A 89 12.37 -13.62 -4.15
C GLY A 89 12.18 -13.77 -5.65
N THR A 90 12.56 -12.73 -6.40
CA THR A 90 12.44 -12.75 -7.88
C THR A 90 13.73 -12.26 -8.52
N ARG A 91 13.86 -12.54 -9.81
CA ARG A 91 15.00 -12.09 -10.60
C ARG A 91 14.69 -10.85 -11.49
N TYR A 92 13.41 -10.66 -11.86
CA TYR A 92 13.05 -9.70 -12.90
C TYR A 92 11.94 -8.73 -12.51
N LEU A 93 11.34 -8.96 -11.34
CA LEU A 93 10.16 -8.20 -10.97
C LEU A 93 10.59 -6.85 -10.41
N LEU A 94 10.05 -5.78 -10.95
CA LEU A 94 10.34 -4.50 -10.33
C LEU A 94 9.11 -3.73 -9.82
N GLN A 95 9.31 -3.07 -8.68
CA GLN A 95 8.27 -2.29 -8.05
C GLN A 95 8.36 -0.81 -8.45
N LEU A 96 7.21 -0.24 -8.78
CA LEU A 96 7.12 1.22 -8.95
C LEU A 96 6.18 1.81 -7.90
N ASP A 97 6.65 2.84 -7.18
CA ASP A 97 5.84 3.55 -6.17
C ASP A 97 6.23 5.02 -5.97
N ARG A 103 7.27 10.00 -10.55
CA ARG A 103 6.14 9.32 -11.24
C ARG A 103 6.04 9.68 -12.75
N ALA A 104 5.57 8.72 -13.57
CA ALA A 104 5.81 8.73 -15.05
C ALA A 104 4.71 9.46 -15.85
N ASN A 105 4.39 10.69 -15.44
CA ASN A 105 3.31 11.45 -16.07
C ASN A 105 3.80 12.19 -17.31
N SER A 106 4.29 11.42 -18.27
CA SER A 106 4.80 11.96 -19.52
C SER A 106 4.61 10.86 -20.54
N TRP A 107 4.19 11.21 -21.75
CA TRP A 107 3.95 10.22 -22.79
C TRP A 107 5.23 9.60 -23.34
N HIS A 108 5.33 8.27 -23.30
CA HIS A 108 6.59 7.62 -23.72
C HIS A 108 6.36 6.20 -24.11
N THR A 109 7.25 5.68 -24.94
CA THR A 109 7.35 4.27 -25.21
C THR A 109 8.56 3.78 -24.37
N ASP A 110 8.47 2.61 -23.74
CA ASP A 110 9.51 2.21 -22.76
C ASP A 110 10.91 2.11 -23.33
N VAL A 111 11.85 2.80 -22.70
CA VAL A 111 13.26 2.63 -22.94
C VAL A 111 13.69 2.83 -24.39
N THR A 112 13.07 3.75 -25.15
CA THR A 112 13.40 3.80 -26.56
C THR A 112 14.79 4.40 -26.81
N PHE A 113 15.45 4.88 -25.76
CA PHE A 113 16.84 5.32 -25.91
C PHE A 113 17.80 4.14 -26.14
N VAL A 114 17.32 2.90 -26.02
CA VAL A 114 18.15 1.76 -26.44
C VAL A 114 17.67 1.19 -27.75
N GLU A 115 18.54 0.38 -28.34
CA GLU A 115 18.31 -0.19 -29.66
C GLU A 115 17.17 -1.22 -29.65
N ALA A 116 17.32 -2.29 -28.88
CA ALA A 116 16.30 -3.31 -28.84
C ALA A 116 15.50 -3.14 -27.54
N TYR A 117 14.58 -2.16 -27.53
CA TYR A 117 13.83 -1.86 -26.33
C TYR A 117 12.71 -2.90 -26.18
N PRO A 118 12.13 -2.96 -24.99
CA PRO A 118 11.14 -4.01 -24.66
C PRO A 118 9.97 -4.15 -25.62
N LYS A 119 9.54 -5.36 -25.89
CA LYS A 119 8.37 -5.55 -26.73
C LYS A 119 7.06 -5.43 -25.94
N ALA A 120 7.14 -5.60 -24.62
CA ALA A 120 5.92 -5.59 -23.77
C ALA A 120 6.32 -5.50 -22.31
N SER A 121 5.34 -5.11 -21.49
CA SER A 121 5.43 -5.18 -20.02
C SER A 121 4.15 -5.74 -19.50
N ILE A 122 4.23 -6.35 -18.31
CA ILE A 122 3.09 -6.97 -17.64
C ILE A 122 3.10 -6.30 -16.31
N LEU A 123 2.01 -5.59 -16.01
CA LEU A 123 2.02 -4.71 -14.85
C LEU A 123 0.82 -5.04 -13.98
N ARG A 124 1.09 -5.29 -12.71
CA ARG A 124 0.05 -5.68 -11.76
C ARG A 124 -0.13 -4.63 -10.69
N SER A 125 -1.37 -4.34 -10.35
CA SER A 125 -1.72 -3.43 -9.29
C SER A 125 -1.76 -4.19 -7.95
N VAL A 126 -0.88 -3.79 -7.04
CA VAL A 126 -0.84 -4.37 -5.69
C VAL A 126 -1.61 -3.47 -4.70
N VAL A 127 -1.33 -2.16 -4.72
CA VAL A 127 -2.11 -1.16 -3.96
C VAL A 127 -2.57 -0.03 -4.90
N ALA A 128 -3.87 0.25 -4.89
CA ALA A 128 -4.48 1.18 -5.86
C ALA A 128 -5.17 2.34 -5.11
N PRO A 129 -4.81 3.59 -5.40
CA PRO A 129 -5.55 4.74 -4.83
C PRO A 129 -7.06 4.61 -5.02
N ALA A 130 -7.79 4.99 -3.99
CA ALA A 130 -9.23 5.03 -4.05
C ALA A 130 -9.72 6.01 -5.10
N SER A 131 -8.99 7.12 -5.29
CA SER A 131 -9.29 7.98 -6.43
C SER A 131 -8.01 8.50 -7.09
N GLY A 132 -8.06 8.64 -8.41
CA GLY A 132 -6.88 8.92 -9.20
C GLY A 132 -6.05 7.66 -9.44
N GLY A 133 -4.86 7.87 -10.01
CA GLY A 133 -3.84 6.87 -10.25
C GLY A 133 -3.94 6.16 -11.58
N ASP A 134 -4.69 6.73 -12.56
CA ASP A 134 -5.02 5.97 -13.77
C ASP A 134 -3.77 5.87 -14.60
N THR A 135 -3.80 4.97 -15.57
CA THR A 135 -2.76 4.92 -16.63
C THR A 135 -3.49 5.09 -17.98
N VAL A 136 -2.84 5.71 -18.95
CA VAL A 136 -3.47 5.90 -20.30
C VAL A 136 -2.54 5.33 -21.30
N TRP A 137 -3.06 4.61 -22.30
CA TRP A 137 -2.22 4.11 -23.39
C TRP A 137 -2.69 4.78 -24.68
N ALA A 138 -1.77 4.95 -25.61
CA ALA A 138 -2.09 5.47 -26.99
C ALA A 138 -1.65 4.44 -28.01
N ASN A 139 -2.47 4.26 -29.05
CA ASN A 139 -2.22 3.35 -30.13
C ASN A 139 -1.42 4.04 -31.21
N THR A 140 -0.13 3.74 -31.30
CA THR A 140 0.72 4.49 -32.27
C THR A 140 0.61 3.98 -33.69
N ALA A 141 -0.03 2.81 -33.88
CA ALA A 141 -0.37 2.31 -35.20
C ALA A 141 -1.58 3.03 -35.73
N ALA A 142 -2.61 3.17 -34.89
CA ALA A 142 -3.78 3.94 -35.32
C ALA A 142 -3.36 5.40 -35.60
N ALA A 143 -2.49 5.98 -34.77
CA ALA A 143 -2.03 7.36 -35.00
C ALA A 143 -1.32 7.52 -36.38
N TYR A 144 -0.50 6.55 -36.75
CA TYR A 144 0.13 6.55 -38.08
C TYR A 144 -0.90 6.46 -39.20
N GLN A 145 -1.83 5.52 -39.09
CA GLN A 145 -2.79 5.22 -40.13
C GLN A 145 -3.66 6.46 -40.42
N GLU A 146 -3.97 7.26 -39.40
CA GLU A 146 -4.86 8.39 -39.62
C GLU A 146 -4.22 9.62 -40.28
N LEU A 147 -2.89 9.64 -40.44
CA LEU A 147 -2.22 10.78 -41.07
C LEU A 147 -2.61 10.82 -42.54
N PRO A 148 -2.81 12.01 -43.15
CA PRO A 148 -3.00 12.07 -44.59
C PRO A 148 -1.80 11.46 -45.31
N GLU A 149 -2.04 10.88 -46.47
CA GLU A 149 -1.00 10.10 -47.14
C GLU A 149 0.36 10.82 -47.27
N PRO A 150 0.37 12.09 -47.70
CA PRO A 150 1.65 12.79 -47.87
C PRO A 150 2.45 12.91 -46.56
N LEU A 151 1.73 13.07 -45.46
CA LEU A 151 2.33 13.07 -44.13
C LEU A 151 2.83 11.66 -43.70
N ARG A 152 2.12 10.57 -44.01
CA ARG A 152 2.66 9.20 -43.79
C ARG A 152 3.96 9.04 -44.55
N GLU A 153 4.00 9.53 -45.81
CA GLU A 153 5.19 9.34 -46.64
C GLU A 153 6.35 10.08 -46.08
N LEU A 154 6.11 11.26 -45.53
CA LEU A 154 7.20 11.96 -44.86
C LEU A 154 7.63 11.15 -43.61
N ALA A 155 6.66 10.76 -42.77
CA ALA A 155 7.01 10.07 -41.52
C ALA A 155 7.82 8.84 -41.87
N ASP A 156 7.52 8.19 -43.00
CA ASP A 156 8.23 6.95 -43.40
C ASP A 156 9.70 7.21 -43.61
N LYS A 157 10.08 8.49 -43.76
CA LYS A 157 11.47 8.80 -44.12
C LYS A 157 12.22 9.38 -42.95
N LEU A 158 11.51 9.72 -41.87
CA LEU A 158 12.18 10.40 -40.77
C LEU A 158 12.88 9.43 -39.83
N TRP A 159 13.97 9.90 -39.23
CA TRP A 159 14.73 9.25 -38.16
C TRP A 159 14.75 10.18 -36.99
N ALA A 160 14.68 9.62 -35.79
CA ALA A 160 14.83 10.48 -34.63
C ALA A 160 15.90 9.96 -33.68
N VAL A 161 16.55 10.87 -32.97
CA VAL A 161 17.48 10.48 -31.90
C VAL A 161 16.74 10.42 -30.59
N HIS A 162 16.75 9.24 -29.96
CA HIS A 162 16.23 9.06 -28.60
C HIS A 162 17.37 9.01 -27.57
N SER A 163 17.16 9.61 -26.42
CA SER A 163 18.21 9.73 -25.42
C SER A 163 17.64 9.64 -23.99
N ASN A 164 18.47 9.23 -23.04
CA ASN A 164 18.09 9.28 -21.64
C ASN A 164 18.65 10.48 -20.87
N ARG A 165 19.15 11.49 -21.56
CA ARG A 165 19.67 12.73 -20.91
C ARG A 165 18.86 13.26 -19.72
N VAL A 191 25.06 7.82 -20.12
CA VAL A 191 24.37 8.33 -21.31
C VAL A 191 24.12 7.22 -22.33
N TYR A 192 23.02 7.37 -23.07
CA TYR A 192 22.59 6.44 -24.08
C TYR A 192 21.88 7.25 -25.18
N GLU A 193 22.29 7.06 -26.43
CA GLU A 193 21.61 7.67 -27.60
C GLU A 193 21.40 6.66 -28.72
N THR A 194 20.19 6.61 -29.24
CA THR A 194 19.90 5.68 -30.32
C THR A 194 19.11 6.39 -31.38
N GLU A 195 19.38 6.05 -32.64
CA GLU A 195 18.62 6.57 -33.77
C GLU A 195 17.65 5.49 -34.16
N HIS A 196 16.37 5.84 -34.18
CA HIS A 196 15.30 4.95 -34.58
C HIS A 196 14.54 5.61 -35.74
N PRO A 197 14.00 4.80 -36.65
CA PRO A 197 13.05 5.32 -37.64
C PRO A 197 11.80 5.79 -36.88
N VAL A 198 11.20 6.87 -37.37
CA VAL A 198 9.99 7.42 -36.78
C VAL A 198 8.83 6.44 -37.00
N VAL A 199 8.89 5.66 -38.08
CA VAL A 199 7.90 4.65 -38.36
C VAL A 199 8.54 3.24 -38.24
N ARG A 200 7.92 2.39 -37.43
CA ARG A 200 8.46 1.03 -37.21
C ARG A 200 7.45 0.06 -37.78
N VAL A 201 7.91 -0.94 -38.53
CA VAL A 201 7.01 -1.93 -39.07
C VAL A 201 6.99 -3.06 -38.05
N HIS A 202 5.80 -3.39 -37.53
CA HIS A 202 5.68 -4.31 -36.41
C HIS A 202 6.11 -5.73 -36.89
N PRO A 203 7.00 -6.40 -36.16
CA PRO A 203 7.55 -7.69 -36.65
C PRO A 203 6.55 -8.83 -36.70
N ILE A 204 5.38 -8.71 -36.06
CA ILE A 204 4.39 -9.78 -36.09
C ILE A 204 3.25 -9.43 -37.03
N SER A 205 2.66 -8.23 -36.85
CA SER A 205 1.50 -7.85 -37.63
C SER A 205 1.86 -7.14 -38.94
N GLY A 206 3.07 -6.60 -39.05
CA GLY A 206 3.40 -5.75 -40.20
C GLY A 206 2.78 -4.34 -40.13
N GLU A 207 2.00 -4.04 -39.09
CA GLU A 207 1.44 -2.70 -38.94
C GLU A 207 2.50 -1.64 -38.76
N ARG A 208 2.34 -0.50 -39.41
CA ARG A 208 3.28 0.59 -39.19
C ARG A 208 2.86 1.44 -37.98
N ALA A 209 3.82 1.90 -37.18
CA ALA A 209 3.45 2.55 -35.93
C ALA A 209 4.46 3.66 -35.75
N LEU A 210 4.00 4.83 -35.26
CA LEU A 210 4.91 5.90 -34.92
C LEU A 210 5.71 5.55 -33.66
N GLN A 211 7.00 5.88 -33.72
CA GLN A 211 7.92 5.58 -32.69
C GLN A 211 8.50 6.90 -32.21
N LEU A 212 7.87 7.50 -31.19
CA LEU A 212 8.17 8.86 -30.75
C LEU A 212 8.18 8.91 -29.21
N GLY A 213 7.47 9.87 -28.63
CA GLY A 213 7.44 9.98 -27.17
C GLY A 213 8.53 10.78 -26.48
N HIS A 214 8.51 10.75 -25.15
CA HIS A 214 9.34 11.58 -24.28
C HIS A 214 10.85 11.49 -24.51
N PHE A 215 11.35 10.32 -24.92
CA PHE A 215 12.78 10.15 -25.13
C PHE A 215 13.33 10.79 -26.40
N VAL A 216 12.45 11.18 -27.31
CA VAL A 216 12.95 11.82 -28.52
C VAL A 216 13.67 13.13 -28.19
N LYS A 217 14.92 13.20 -28.65
CA LYS A 217 15.72 14.43 -28.50
C LYS A 217 15.54 15.34 -29.73
N ARG A 218 15.59 14.76 -30.92
CA ARG A 218 15.36 15.58 -32.11
C ARG A 218 15.10 14.69 -33.30
N ILE A 219 14.47 15.26 -34.32
CA ILE A 219 14.32 14.52 -35.59
C ILE A 219 15.60 14.79 -36.37
N LYS A 220 16.28 13.73 -36.80
CA LYS A 220 17.57 13.88 -37.46
C LYS A 220 17.44 14.60 -38.80
N GLY A 221 18.33 15.55 -39.04
CA GLY A 221 18.42 16.23 -40.32
C GLY A 221 17.66 17.57 -40.36
N TYR A 222 17.10 18.00 -39.23
CA TYR A 222 16.25 19.19 -39.23
C TYR A 222 16.80 20.10 -38.17
N SER A 223 16.66 21.41 -38.36
CA SER A 223 16.93 22.35 -37.28
C SER A 223 16.05 22.05 -36.09
N LEU A 224 16.40 22.60 -34.93
CA LEU A 224 15.62 22.35 -33.74
C LEU A 224 14.19 22.85 -33.87
N ALA A 225 14.02 24.02 -34.49
CA ALA A 225 12.69 24.61 -34.67
C ALA A 225 11.83 23.70 -35.50
N ASP A 226 12.36 23.20 -36.62
CA ASP A 226 11.57 22.36 -37.53
C ASP A 226 11.29 21.02 -36.86
N SER A 227 12.30 20.48 -36.17
CA SER A 227 12.18 19.22 -35.42
C SER A 227 11.01 19.31 -34.43
N GLN A 228 10.96 20.40 -33.68
CA GLN A 228 9.87 20.63 -32.70
C GLN A 228 8.50 20.63 -33.35
N HIS A 229 8.38 21.33 -34.49
CA HIS A 229 7.10 21.38 -35.20
C HIS A 229 6.69 20.03 -35.74
N LEU A 230 7.60 19.32 -36.40
CA LEU A 230 7.27 18.03 -36.96
C LEU A 230 6.94 17.02 -35.86
N PHE A 231 7.70 17.06 -34.77
CA PHE A 231 7.43 16.19 -33.63
C PHE A 231 6.05 16.52 -33.04
N ALA A 232 5.74 17.79 -32.87
CA ALA A 232 4.44 18.18 -32.33
C ALA A 232 3.26 17.67 -33.17
N VAL A 233 3.36 17.75 -34.51
CA VAL A 233 2.35 17.16 -35.38
C VAL A 233 2.19 15.63 -35.16
N LEU A 234 3.29 14.89 -35.29
CA LEU A 234 3.18 13.42 -35.25
C LEU A 234 2.77 12.92 -33.88
N GLN A 235 3.43 13.43 -32.82
CA GLN A 235 3.13 13.07 -31.44
C GLN A 235 1.70 13.51 -31.09
N GLY A 236 1.25 14.66 -31.61
CA GLY A 236 -0.13 15.11 -31.38
C GLY A 236 -1.16 14.10 -31.87
N HIS A 237 -0.82 13.36 -32.91
CA HIS A 237 -1.76 12.32 -33.39
C HIS A 237 -1.76 11.10 -32.46
N VAL A 238 -0.61 10.82 -31.86
CA VAL A 238 -0.49 9.70 -30.91
C VAL A 238 -1.42 9.95 -29.73
N THR A 239 -1.38 11.18 -29.20
CA THR A 239 -2.13 11.48 -27.97
C THR A 239 -3.54 12.01 -28.14
N ARG A 240 -3.97 12.20 -29.39
CA ARG A 240 -5.35 12.55 -29.67
C ARG A 240 -6.27 11.56 -28.93
N LEU A 241 -7.33 12.08 -28.30
CA LEU A 241 -8.10 11.27 -27.34
C LEU A 241 -8.62 9.97 -27.96
N GLU A 242 -9.08 10.07 -29.22
CA GLU A 242 -9.63 8.95 -29.93
C GLU A 242 -8.65 7.77 -30.03
N ASN A 243 -7.35 8.05 -29.90
CA ASN A 243 -6.35 6.97 -30.04
C ASN A 243 -5.93 6.40 -28.67
N THR A 244 -6.69 6.73 -27.61
CA THR A 244 -6.21 6.38 -26.25
C THR A 244 -7.25 5.63 -25.47
N VAL A 245 -6.79 4.97 -24.41
CA VAL A 245 -7.69 4.31 -23.47
C VAL A 245 -7.11 4.57 -22.12
N ARG A 246 -7.99 4.89 -21.19
CA ARG A 246 -7.61 5.23 -19.84
C ARG A 246 -8.11 4.14 -18.89
N TRP A 247 -7.24 3.61 -18.04
CA TRP A 247 -7.69 2.50 -17.17
C TRP A 247 -7.65 2.99 -15.72
N ARG A 248 -8.75 2.78 -15.01
CA ARG A 248 -8.73 3.00 -13.57
C ARG A 248 -8.42 1.67 -12.84
N TRP A 249 -7.38 1.67 -12.05
CA TRP A 249 -6.84 0.43 -11.50
C TRP A 249 -7.59 0.06 -10.23
N GLU A 250 -7.78 -1.26 -10.04
CA GLU A 250 -8.18 -1.84 -8.76
C GLU A 250 -7.15 -2.94 -8.43
N ALA A 251 -6.90 -3.18 -7.14
CA ALA A 251 -5.89 -4.16 -6.72
C ALA A 251 -6.21 -5.48 -7.39
N GLY A 252 -5.18 -6.14 -7.90
CA GLY A 252 -5.40 -7.38 -8.63
C GLY A 252 -5.60 -7.22 -10.17
N ASP A 253 -5.72 -5.99 -10.66
CA ASP A 253 -5.74 -5.77 -12.13
C ASP A 253 -4.36 -6.02 -12.69
N VAL A 254 -4.28 -6.59 -13.89
CA VAL A 254 -3.02 -6.74 -14.60
C VAL A 254 -3.19 -6.15 -16.02
N ALA A 255 -2.26 -5.31 -16.47
CA ALA A 255 -2.28 -4.82 -17.85
C ALA A 255 -1.10 -5.40 -18.54
N ILE A 256 -1.26 -5.72 -19.81
CA ILE A 256 -0.15 -6.08 -20.66
C ILE A 256 -0.24 -5.23 -21.92
N TRP A 257 0.85 -4.59 -22.30
CA TRP A 257 0.78 -3.76 -23.51
C TRP A 257 1.92 -4.09 -24.45
N ASP A 258 1.65 -3.88 -25.74
CA ASP A 258 2.63 -4.07 -26.82
C ASP A 258 3.36 -2.75 -26.98
N ASN A 259 4.56 -2.71 -26.42
CA ASN A 259 5.39 -1.54 -26.40
C ASN A 259 5.85 -1.14 -27.82
N ARG A 260 5.66 -2.00 -28.81
CA ARG A 260 6.07 -1.67 -30.17
C ARG A 260 5.04 -0.81 -30.89
N ALA A 261 3.84 -0.70 -30.31
CA ALA A 261 2.73 0.03 -30.95
C ALA A 261 1.91 0.84 -29.97
N THR A 262 2.53 1.23 -28.84
CA THR A 262 1.90 2.09 -27.90
C THR A 262 2.84 3.11 -27.33
N GLN A 263 2.22 4.08 -26.66
CA GLN A 263 2.90 4.89 -25.64
C GLN A 263 1.99 4.80 -24.44
N HIS A 264 2.48 5.19 -23.26
CA HIS A 264 1.56 5.32 -22.11
C HIS A 264 1.99 6.47 -21.21
N TYR A 265 1.16 6.77 -20.22
CA TYR A 265 1.27 7.91 -19.34
C TYR A 265 0.57 7.55 -18.04
N ALA A 266 1.26 7.69 -16.92
CA ALA A 266 0.68 7.41 -15.58
C ALA A 266 0.23 8.75 -15.00
N VAL A 267 -1.07 8.90 -14.75
CA VAL A 267 -1.66 10.14 -14.29
C VAL A 267 -1.26 10.43 -12.86
N ASP A 268 -0.67 11.61 -12.62
CA ASP A 268 -0.20 11.91 -11.27
C ASP A 268 -1.20 12.84 -10.57
N ASP A 269 -2.38 12.31 -10.26
CA ASP A 269 -3.44 13.10 -9.64
C ASP A 269 -3.87 12.58 -8.29
N TYR A 270 -3.10 11.68 -7.69
CA TYR A 270 -3.55 10.96 -6.50
C TYR A 270 -2.85 11.38 -5.22
N GLY A 271 -1.95 12.35 -5.31
CA GLY A 271 -1.36 12.93 -4.11
C GLY A 271 -0.55 11.92 -3.28
N THR A 272 -0.84 11.81 -1.97
CA THR A 272 -0.05 10.89 -1.13
C THR A 272 -0.71 9.52 -0.99
N GLN A 273 -1.80 9.27 -1.71
CA GLN A 273 -2.43 7.96 -1.66
C GLN A 273 -1.41 6.95 -2.17
N PRO A 274 -1.17 5.87 -1.42
CA PRO A 274 -0.20 4.86 -1.84
C PRO A 274 -0.62 4.18 -3.13
N ARG A 275 0.36 4.02 -3.99
CA ARG A 275 0.14 3.35 -5.26
C ARG A 275 1.34 2.49 -5.50
N ILE A 276 1.08 1.19 -5.60
CA ILE A 276 2.14 0.20 -5.76
C ILE A 276 1.79 -0.77 -6.85
N VAL A 277 2.67 -0.86 -7.84
CA VAL A 277 2.47 -1.73 -8.95
C VAL A 277 3.74 -2.54 -9.14
N ARG A 278 3.61 -3.72 -9.73
CA ARG A 278 4.78 -4.55 -10.00
C ARG A 278 4.83 -4.97 -11.45
N ARG A 279 6.02 -4.85 -12.00
CA ARG A 279 6.21 -4.90 -13.44
C ARG A 279 7.26 -5.91 -13.87
N VAL A 280 6.92 -6.70 -14.88
CA VAL A 280 7.91 -7.47 -15.59
C VAL A 280 7.96 -7.01 -17.05
N THR A 281 9.18 -6.79 -17.53
CA THR A 281 9.42 -6.28 -18.87
C THR A 281 10.01 -7.39 -19.75
N LEU A 282 9.51 -7.52 -21.00
CA LEU A 282 9.98 -8.58 -21.91
C LEU A 282 10.87 -8.02 -23.01
N ALA A 283 11.96 -8.74 -23.31
CA ALA A 283 12.96 -8.28 -24.27
C ALA A 283 12.36 -8.13 -25.67
N GLY A 284 12.70 -7.07 -26.36
CA GLY A 284 12.19 -6.86 -27.70
C GLY A 284 13.29 -6.92 -28.76
N GLU A 285 12.94 -6.58 -29.99
CA GLU A 285 13.81 -6.71 -31.16
C GLU A 285 14.31 -5.34 -31.60
N VAL A 286 15.31 -5.34 -32.46
CA VAL A 286 15.75 -4.10 -33.08
C VAL A 286 14.64 -3.66 -34.05
N PRO A 287 14.17 -2.43 -33.93
CA PRO A 287 13.13 -1.94 -34.85
C PRO A 287 13.59 -1.96 -36.30
N VAL A 288 12.69 -2.30 -37.19
CA VAL A 288 12.93 -2.18 -38.62
C VAL A 288 12.04 -1.06 -39.24
N GLY A 289 12.62 -0.16 -40.03
CA GLY A 289 11.83 0.86 -40.73
C GLY A 289 11.15 0.35 -41.98
N VAL A 290 10.45 1.26 -42.64
CA VAL A 290 9.63 0.95 -43.81
C VAL A 290 10.49 0.48 -45.01
N ASP A 291 11.71 1.00 -45.10
CA ASP A 291 12.67 0.60 -46.14
C ASP A 291 13.61 -0.58 -45.71
N GLY A 292 13.42 -1.12 -44.51
CA GLY A 292 14.16 -2.29 -44.06
C GLY A 292 15.37 -1.93 -43.23
N GLN A 293 15.65 -0.64 -43.07
CA GLN A 293 16.80 -0.18 -42.24
C GLN A 293 16.58 -0.42 -40.73
N LEU A 294 17.66 -0.72 -39.99
CA LEU A 294 17.57 -1.03 -38.56
C LEU A 294 18.01 0.14 -37.70
N SER A 295 17.44 0.25 -36.51
CA SER A 295 17.90 1.24 -35.52
C SER A 295 19.35 1.01 -35.13
N ARG A 296 20.01 2.04 -34.61
CA ARG A 296 21.40 1.87 -34.15
C ARG A 296 21.77 2.80 -33.02
N THR A 297 22.41 2.26 -31.98
CA THR A 297 22.94 3.07 -30.89
C THR A 297 24.13 3.85 -31.43
N THR A 298 24.17 5.15 -31.16
CA THR A 298 25.26 6.03 -31.61
C THR A 298 26.13 6.58 -30.48
N ARG A 299 25.70 6.40 -29.23
CA ARG A 299 26.46 6.85 -28.07
C ARG A 299 26.26 5.93 -26.86
N LYS A 300 27.38 5.43 -26.33
CA LYS A 300 27.43 4.44 -25.24
C LYS A 300 26.53 3.21 -25.48
N LEU B 13 -12.98 12.85 33.68
CA LEU B 13 -13.33 12.16 32.39
C LEU B 13 -12.71 10.77 32.32
N GLU B 14 -13.56 9.79 32.05
CA GLU B 14 -13.11 8.39 31.97
C GLU B 14 -13.31 7.87 30.54
N LEU B 15 -12.19 7.55 29.90
CA LEU B 15 -12.20 6.96 28.56
C LEU B 15 -12.55 5.51 28.65
N ASP B 16 -12.99 4.97 27.54
CA ASP B 16 -13.31 3.55 27.42
C ASP B 16 -11.98 2.75 27.13
N VAL B 17 -11.30 2.33 28.19
CA VAL B 17 -9.90 1.88 28.10
C VAL B 17 -9.86 0.37 28.28
N HIS B 18 -9.20 -0.33 27.33
CA HIS B 18 -9.11 -1.82 27.34
C HIS B 18 -7.65 -2.30 27.23
N PRO B 19 -7.07 -2.62 28.37
CA PRO B 19 -5.71 -3.13 28.45
C PRO B 19 -5.54 -4.31 27.50
N VAL B 20 -4.42 -4.33 26.83
CA VAL B 20 -4.04 -5.35 25.86
C VAL B 20 -3.19 -6.49 26.47
N ALA B 21 -2.09 -6.15 27.15
CA ALA B 21 -1.28 -7.16 27.86
C ALA B 21 -1.38 -6.83 29.35
N GLY B 22 -0.87 -7.70 30.23
CA GLY B 22 -1.00 -7.45 31.65
C GLY B 22 -0.22 -6.24 32.16
N ARG B 23 0.94 -5.91 31.59
CA ARG B 23 1.80 -4.86 32.17
C ARG B 23 2.07 -3.67 31.26
N ILE B 24 1.42 -3.64 30.08
CA ILE B 24 1.63 -2.54 29.14
C ILE B 24 0.59 -2.59 28.02
N GLY B 25 0.17 -1.41 27.55
CA GLY B 25 -0.69 -1.36 26.37
C GLY B 25 -2.16 -1.31 26.67
N ALA B 26 -2.86 -0.38 26.03
CA ALA B 26 -4.31 -0.31 26.16
C ALA B 26 -4.95 0.26 24.89
N GLU B 27 -6.08 -0.33 24.47
CA GLU B 27 -6.88 0.19 23.38
C GLU B 27 -7.89 1.19 23.95
N ILE B 28 -8.01 2.34 23.31
CA ILE B 28 -9.02 3.31 23.72
C ILE B 28 -10.13 3.35 22.65
N ARG B 29 -11.36 3.09 23.05
CA ARG B 29 -12.52 3.07 22.14
C ARG B 29 -13.36 4.34 22.26
N GLY B 30 -14.16 4.66 21.22
CA GLY B 30 -15.12 5.75 21.32
C GLY B 30 -14.49 7.12 21.15
N VAL B 31 -13.26 7.14 20.62
CA VAL B 31 -12.57 8.41 20.42
C VAL B 31 -12.13 8.53 18.98
N LYS B 32 -12.55 9.62 18.34
CA LYS B 32 -12.15 9.94 16.98
C LYS B 32 -11.05 10.99 17.09
N LEU B 33 -9.81 10.62 16.74
CA LEU B 33 -8.69 11.55 16.83
C LEU B 33 -8.86 12.63 15.74
N SER B 34 -8.48 13.86 16.08
CA SER B 34 -8.57 15.01 15.17
C SER B 34 -7.95 16.22 15.84
N PRO B 35 -7.70 17.28 15.08
CA PRO B 35 -7.18 18.54 15.64
C PRO B 35 -8.21 19.27 16.53
N ASP B 36 -9.44 18.78 16.56
CA ASP B 36 -10.54 19.45 17.29
C ASP B 36 -10.95 18.78 18.58
N LEU B 37 -10.22 17.75 19.02
CA LEU B 37 -10.55 17.11 20.33
C LEU B 37 -10.49 18.10 21.46
N ASP B 38 -11.44 18.04 22.41
CA ASP B 38 -11.44 19.03 23.48
C ASP B 38 -10.34 18.75 24.54
N ALA B 39 -10.10 19.70 25.45
CA ALA B 39 -9.00 19.63 26.38
C ALA B 39 -9.15 18.47 27.34
N ALA B 40 -10.38 18.11 27.73
CA ALA B 40 -10.61 17.06 28.74
C ALA B 40 -10.19 15.69 28.13
N THR B 41 -10.52 15.55 26.86
CA THR B 41 -10.18 14.37 26.10
C THR B 41 -8.67 14.21 25.91
N VAL B 42 -8.00 15.27 25.44
CA VAL B 42 -6.56 15.30 25.33
C VAL B 42 -5.89 14.97 26.68
N GLU B 43 -6.35 15.60 27.77
CA GLU B 43 -5.80 15.31 29.10
C GLU B 43 -5.94 13.81 29.48
N ALA B 44 -7.10 13.23 29.23
CA ALA B 44 -7.35 11.84 29.56
C ALA B 44 -6.45 10.91 28.71
N ILE B 45 -6.27 11.25 27.43
CA ILE B 45 -5.34 10.59 26.54
C ILE B 45 -3.92 10.64 27.09
N GLN B 46 -3.45 11.83 27.48
CA GLN B 46 -2.11 11.99 28.03
C GLN B 46 -1.92 11.14 29.31
N ALA B 47 -2.93 11.12 30.17
CA ALA B 47 -2.91 10.28 31.40
C ALA B 47 -2.86 8.77 31.06
N ALA B 48 -3.68 8.33 30.10
CA ALA B 48 -3.66 6.95 29.64
C ALA B 48 -2.32 6.55 29.01
N LEU B 49 -1.71 7.48 28.30
CA LEU B 49 -0.40 7.28 27.72
C LEU B 49 0.68 7.04 28.81
N VAL B 50 0.70 7.92 29.79
CA VAL B 50 1.66 7.76 30.90
C VAL B 50 1.46 6.42 31.64
N ARG B 51 0.21 6.09 31.93
CA ARG B 51 -0.14 4.90 32.63
C ARG B 51 0.17 3.61 31.85
N HIS B 52 -0.26 3.54 30.58
CA HIS B 52 -0.17 2.31 29.81
C HIS B 52 0.99 2.20 28.88
N LYS B 53 1.72 3.31 28.73
CA LYS B 53 2.96 3.39 27.95
C LYS B 53 2.80 3.37 26.43
N VAL B 54 1.87 2.58 25.91
CA VAL B 54 1.47 2.66 24.49
C VAL B 54 -0.06 2.48 24.48
N ILE B 55 -0.74 3.33 23.70
CA ILE B 55 -2.20 3.25 23.61
C ILE B 55 -2.58 3.16 22.16
N PHE B 56 -3.71 2.49 21.90
CA PHE B 56 -4.14 2.19 20.55
C PHE B 56 -5.54 2.71 20.24
N PHE B 57 -5.72 3.24 19.03
CA PHE B 57 -7.03 3.70 18.58
C PHE B 57 -7.31 3.05 17.23
N ARG B 58 -8.41 2.32 17.13
CA ARG B 58 -8.70 1.68 15.85
C ARG B 58 -9.74 2.47 15.04
N GLY B 59 -9.83 2.19 13.74
CA GLY B 59 -10.91 2.69 12.90
C GLY B 59 -10.80 4.17 12.63
N GLN B 60 -9.58 4.71 12.60
CA GLN B 60 -9.35 6.14 12.45
C GLN B 60 -9.23 6.49 10.96
N THR B 61 -10.23 6.08 10.19
CA THR B 61 -10.03 6.09 8.74
C THR B 61 -10.21 7.46 8.11
N HIS B 62 -10.81 8.37 8.87
CA HIS B 62 -10.95 9.79 8.54
C HIS B 62 -9.65 10.56 8.70
N LEU B 63 -8.67 10.02 9.45
CA LEU B 63 -7.44 10.75 9.73
C LEU B 63 -6.63 10.80 8.47
N ASP B 64 -6.25 11.96 8.02
CA ASP B 64 -5.30 11.99 6.93
C ASP B 64 -4.07 12.67 7.45
N ASP B 65 -3.10 12.88 6.57
CA ASP B 65 -1.84 13.48 6.95
C ASP B 65 -1.96 14.77 7.73
N GLN B 66 -2.80 15.68 7.25
CA GLN B 66 -2.94 17.00 7.86
C GLN B 66 -3.63 16.88 9.20
N SER B 67 -4.71 16.12 9.28
CA SER B 67 -5.38 15.99 10.56
C SER B 67 -4.55 15.16 11.61
N GLN B 68 -3.72 14.22 11.14
CA GLN B 68 -2.78 13.50 12.05
C GLN B 68 -1.77 14.50 12.62
N GLU B 69 -1.26 15.36 11.77
CA GLU B 69 -0.37 16.41 12.23
C GLU B 69 -1.07 17.39 13.21
N GLY B 70 -2.28 17.84 12.85
CA GLY B 70 -3.05 18.74 13.73
C GLY B 70 -3.38 18.09 15.08
N PHE B 71 -3.72 16.78 15.06
CA PHE B 71 -3.97 16.08 16.33
C PHE B 71 -2.72 16.04 17.18
N ALA B 72 -1.60 15.80 16.54
CA ALA B 72 -0.32 15.62 17.24
C ALA B 72 0.10 16.88 18.02
N LYS B 73 -0.16 18.05 17.42
CA LYS B 73 0.13 19.34 18.04
C LYS B 73 -0.62 19.52 19.34
N LEU B 74 -1.74 18.81 19.51
CA LEU B 74 -2.43 18.85 20.79
C LEU B 74 -1.66 18.16 21.93
N LEU B 75 -0.74 17.25 21.58
CA LEU B 75 -0.01 16.46 22.60
C LEU B 75 1.38 17.00 22.88
N GLY B 76 1.93 17.78 21.96
CA GLY B 76 3.29 18.33 22.11
C GLY B 76 3.73 19.06 20.84
N GLU B 77 5.05 19.30 20.70
CA GLU B 77 5.59 20.05 19.56
C GLU B 77 6.22 19.06 18.61
N PRO B 78 5.67 18.92 17.40
CA PRO B 78 6.25 18.03 16.41
C PRO B 78 7.69 18.42 16.08
N VAL B 79 8.54 17.45 15.78
CA VAL B 79 9.89 17.76 15.38
C VAL B 79 10.02 17.66 13.87
N ALA B 80 10.80 18.56 13.29
CA ALA B 80 10.99 18.65 11.83
C ALA B 80 11.97 17.62 11.28
N PRO B 85 12.86 14.85 4.64
CA PRO B 85 11.97 14.43 3.54
C PRO B 85 10.61 13.93 4.07
N VAL B 86 9.60 14.81 3.98
CA VAL B 86 8.32 14.63 4.66
C VAL B 86 7.18 14.29 3.69
N VAL B 87 6.04 13.84 4.21
CA VAL B 87 4.90 13.51 3.38
C VAL B 87 4.43 14.83 2.75
N ASP B 88 4.10 14.80 1.45
CA ASP B 88 3.69 16.01 0.73
C ASP B 88 2.47 16.64 1.39
N GLY B 89 2.53 17.95 1.54
CA GLY B 89 1.45 18.72 2.11
C GLY B 89 1.51 18.76 3.64
N THR B 90 2.64 18.32 4.22
CA THR B 90 2.83 18.45 5.67
C THR B 90 4.18 19.05 6.00
N ARG B 91 4.32 19.45 7.26
CA ARG B 91 5.59 19.94 7.76
C ARG B 91 6.38 18.86 8.56
N TYR B 92 5.69 17.92 9.19
CA TYR B 92 6.37 16.99 10.14
C TYR B 92 6.08 15.50 9.96
N LEU B 93 5.22 15.16 8.99
CA LEU B 93 4.81 13.78 8.82
C LEU B 93 5.86 13.01 8.03
N LEU B 94 6.31 11.90 8.62
CA LEU B 94 7.32 11.06 7.97
C LEU B 94 6.68 9.74 7.57
N GLN B 95 6.99 9.31 6.36
CA GLN B 95 6.51 8.04 5.88
C GLN B 95 7.57 6.95 6.09
N LEU B 96 7.18 5.85 6.71
CA LEU B 96 8.04 4.67 6.81
C LEU B 96 7.48 3.47 6.00
N ASP B 97 8.31 2.96 5.08
CA ASP B 97 7.88 1.83 4.23
C ASP B 97 9.01 0.93 3.68
N GLY B 98 10.04 0.68 4.50
CA GLY B 98 11.08 -0.33 4.22
C GLY B 98 11.76 -0.44 2.85
N ARG B 103 14.09 -1.66 7.46
CA ARG B 103 13.08 -2.02 8.49
C ARG B 103 13.66 -2.15 9.92
N ALA B 104 12.89 -1.73 10.94
CA ALA B 104 13.42 -1.47 12.33
C ALA B 104 13.26 -2.65 13.32
N ASN B 105 13.71 -3.83 12.88
CA ASN B 105 13.55 -5.04 13.69
C ASN B 105 14.73 -5.17 14.66
N SER B 106 14.83 -4.17 15.55
CA SER B 106 15.84 -4.11 16.60
C SER B 106 15.23 -3.34 17.74
N TRP B 107 15.46 -3.79 18.99
CA TRP B 107 14.90 -3.10 20.15
C TRP B 107 15.58 -1.75 20.38
N HIS B 108 14.79 -0.67 20.44
CA HIS B 108 15.37 0.67 20.66
C HIS B 108 14.37 1.64 21.22
N THR B 109 14.89 2.65 21.86
CA THR B 109 14.14 3.84 22.22
C THR B 109 14.49 4.90 21.15
N ASP B 110 13.52 5.69 20.71
CA ASP B 110 13.77 6.54 19.52
C ASP B 110 14.85 7.59 19.75
N VAL B 111 15.82 7.63 18.83
CA VAL B 111 16.81 8.72 18.74
C VAL B 111 17.59 8.97 20.02
N THR B 112 17.91 7.93 20.81
CA THR B 112 18.54 8.20 22.11
C THR B 112 19.99 8.67 21.97
N PHE B 113 20.50 8.70 20.74
CA PHE B 113 21.86 9.23 20.52
C PHE B 113 21.89 10.76 20.61
N VAL B 114 20.74 11.38 20.76
CA VAL B 114 20.70 12.80 21.04
C VAL B 114 20.26 13.02 22.47
N GLU B 115 20.51 14.24 22.94
CA GLU B 115 20.29 14.66 24.31
C GLU B 115 18.81 14.71 24.69
N ALA B 116 18.03 15.51 23.98
CA ALA B 116 16.62 15.63 24.28
C ALA B 116 15.84 14.87 23.19
N TYR B 117 15.84 13.54 23.31
CA TYR B 117 15.17 12.70 22.30
C TYR B 117 13.65 12.80 22.48
N PRO B 118 12.88 12.39 21.48
CA PRO B 118 11.41 12.53 21.48
C PRO B 118 10.69 11.95 22.72
N LYS B 119 9.65 12.65 23.17
CA LYS B 119 8.89 12.14 24.31
C LYS B 119 7.83 11.13 23.87
N ALA B 120 7.45 11.20 22.57
CA ALA B 120 6.40 10.32 22.02
C ALA B 120 6.39 10.31 20.51
N SER B 121 5.71 9.31 19.95
CA SER B 121 5.37 9.32 18.53
C SER B 121 3.95 8.88 18.34
N ILE B 122 3.35 9.31 17.24
CA ILE B 122 1.98 8.97 16.87
C ILE B 122 2.13 8.32 15.53
N LEU B 123 1.69 7.08 15.40
CA LEU B 123 1.97 6.33 14.21
C LEU B 123 0.69 5.75 13.73
N ARG B 124 0.41 5.96 12.44
CA ARG B 124 -0.83 5.53 11.84
C ARG B 124 -0.53 4.53 10.77
N SER B 125 -1.33 3.46 10.72
CA SER B 125 -1.24 2.45 9.68
C SER B 125 -2.06 2.90 8.47
N VAL B 126 -1.39 3.01 7.33
CA VAL B 126 -2.06 3.40 6.06
C VAL B 126 -2.29 2.16 5.19
N VAL B 127 -1.24 1.36 5.00
CA VAL B 127 -1.38 0.04 4.38
C VAL B 127 -0.79 -1.03 5.34
N ALA B 128 -1.53 -2.09 5.61
CA ALA B 128 -1.16 -3.10 6.62
C ALA B 128 -1.10 -4.47 5.98
N PRO B 129 0.04 -5.17 6.03
CA PRO B 129 0.10 -6.54 5.51
C PRO B 129 -1.02 -7.44 6.04
N ALA B 130 -1.57 -8.28 5.18
CA ALA B 130 -2.59 -9.24 5.62
C ALA B 130 -2.05 -10.24 6.67
N SER B 131 -0.77 -10.61 6.56
CA SER B 131 -0.16 -11.35 7.68
C SER B 131 1.24 -10.83 7.96
N GLY B 132 1.57 -10.79 9.24
CA GLY B 132 2.84 -10.26 9.68
C GLY B 132 2.76 -8.72 9.82
N GLY B 133 3.91 -8.10 10.09
CA GLY B 133 4.05 -6.67 10.19
C GLY B 133 3.82 -6.08 11.55
N ASP B 134 3.85 -6.90 12.60
CA ASP B 134 3.45 -6.40 13.92
C ASP B 134 4.48 -5.42 14.42
N THR B 135 4.09 -4.66 15.45
CA THR B 135 5.06 -3.90 16.24
C THR B 135 4.97 -4.34 17.69
N VAL B 136 6.08 -4.31 18.41
CA VAL B 136 6.06 -4.74 19.81
C VAL B 136 6.63 -3.60 20.62
N TRP B 137 6.05 -3.32 21.78
CA TRP B 137 6.63 -2.34 22.70
C TRP B 137 7.02 -3.06 24.03
N ALA B 138 8.00 -2.49 24.73
CA ALA B 138 8.39 -3.00 26.03
C ALA B 138 8.32 -1.86 27.04
N ASN B 139 7.88 -2.17 28.26
CA ASN B 139 7.70 -1.21 29.30
C ASN B 139 9.01 -1.14 30.11
N THR B 140 9.81 -0.08 29.93
CA THR B 140 11.10 0.01 30.61
C THR B 140 11.02 0.44 32.08
N ALA B 141 9.87 0.96 32.49
CA ALA B 141 9.59 1.25 33.87
C ALA B 141 9.33 -0.05 34.61
N ALA B 142 8.51 -0.93 34.04
CA ALA B 142 8.26 -2.25 34.68
C ALA B 142 9.58 -3.07 34.72
N ALA B 143 10.37 -2.98 33.66
CA ALA B 143 11.64 -3.71 33.64
C ALA B 143 12.57 -3.24 34.78
N TYR B 144 12.64 -1.94 35.02
CA TYR B 144 13.42 -1.44 36.15
C TYR B 144 12.86 -1.93 37.48
N GLN B 145 11.54 -1.89 37.64
CA GLN B 145 10.90 -2.16 38.91
C GLN B 145 11.11 -3.61 39.29
N GLU B 146 11.17 -4.52 38.33
CA GLU B 146 11.29 -5.92 38.69
C GLU B 146 12.72 -6.37 39.07
N LEU B 147 13.73 -5.50 38.93
CA LEU B 147 15.12 -5.90 39.22
C LEU B 147 15.24 -6.05 40.71
N PRO B 148 16.01 -7.02 41.21
CA PRO B 148 16.29 -7.06 42.66
C PRO B 148 16.94 -5.79 43.10
N GLU B 149 16.67 -5.45 44.33
CA GLU B 149 17.06 -4.12 44.79
C GLU B 149 18.53 -3.78 44.59
N PRO B 150 19.45 -4.71 44.89
CA PRO B 150 20.88 -4.40 44.71
C PRO B 150 21.22 -4.07 43.24
N LEU B 151 20.53 -4.74 42.34
CA LEU B 151 20.66 -4.46 40.93
C LEU B 151 20.00 -3.11 40.49
N ARG B 152 18.85 -2.72 41.05
CA ARG B 152 18.30 -1.33 40.84
C ARG B 152 19.31 -0.29 41.30
N GLU B 153 19.97 -0.53 42.44
CA GLU B 153 20.95 0.45 42.96
C GLU B 153 22.17 0.59 42.06
N LEU B 154 22.64 -0.52 41.53
CA LEU B 154 23.67 -0.44 40.51
C LEU B 154 23.19 0.33 39.27
N ALA B 155 22.02 -0.02 38.74
CA ALA B 155 21.50 0.63 37.51
C ALA B 155 21.39 2.12 37.73
N ASP B 156 20.94 2.53 38.92
CA ASP B 156 20.80 3.95 39.31
C ASP B 156 22.11 4.72 39.11
N LYS B 157 23.24 4.00 39.13
CA LYS B 157 24.55 4.67 39.11
C LYS B 157 25.22 4.64 37.76
N LEU B 158 24.68 3.84 36.84
CA LEU B 158 25.31 3.64 35.55
C LEU B 158 24.97 4.73 34.53
N TRP B 159 25.91 4.98 33.63
CA TRP B 159 25.74 5.90 32.50
C TRP B 159 26.12 5.11 31.30
N ALA B 160 25.45 5.38 30.17
CA ALA B 160 25.82 4.74 28.93
C ALA B 160 26.03 5.75 27.83
N VAL B 161 26.87 5.37 26.87
CA VAL B 161 27.06 6.15 25.67
C VAL B 161 26.17 5.63 24.54
N HIS B 162 25.32 6.50 24.03
CA HIS B 162 24.46 6.17 22.90
C HIS B 162 25.01 6.86 21.65
N SER B 163 24.94 6.17 20.52
CA SER B 163 25.57 6.65 19.30
C SER B 163 24.79 6.20 18.06
N ASN B 164 24.79 7.02 17.01
CA ASN B 164 24.19 6.62 15.73
C ASN B 164 25.19 6.05 14.75
N GLU B 165 26.44 5.89 15.17
CA GLU B 165 27.45 5.32 14.29
C GLU B 165 27.38 3.79 14.33
N VAL B 191 27.64 12.06 12.68
CA VAL B 191 27.96 11.26 13.88
C VAL B 191 27.60 12.01 15.16
N TYR B 192 26.97 11.29 16.08
CA TYR B 192 26.34 11.85 17.27
C TYR B 192 26.57 10.87 18.44
N GLU B 193 27.04 11.39 19.58
CA GLU B 193 27.22 10.59 20.80
C GLU B 193 26.70 11.33 22.00
N THR B 194 25.89 10.64 22.81
CA THR B 194 25.34 11.25 24.01
C THR B 194 25.49 10.29 25.19
N GLU B 195 25.79 10.85 26.36
CA GLU B 195 25.83 10.07 27.60
C GLU B 195 24.53 10.29 28.33
N HIS B 196 23.81 9.20 28.56
CA HIS B 196 22.55 9.23 29.29
C HIS B 196 22.70 8.35 30.54
N PRO B 197 22.02 8.68 31.62
CA PRO B 197 21.90 7.76 32.75
C PRO B 197 21.11 6.52 32.26
N VAL B 198 21.53 5.34 32.74
CA VAL B 198 20.82 4.10 32.46
C VAL B 198 19.41 4.15 33.07
N VAL B 199 19.21 4.93 34.13
CA VAL B 199 17.89 5.02 34.75
C VAL B 199 17.40 6.48 34.62
N ARG B 200 16.22 6.66 34.05
CA ARG B 200 15.67 7.98 33.84
C ARG B 200 14.47 8.15 34.77
N VAL B 201 14.37 9.30 35.44
CA VAL B 201 13.20 9.59 36.25
C VAL B 201 12.22 10.34 35.36
N HIS B 202 11.05 9.74 35.14
CA HIS B 202 10.06 10.28 34.20
C HIS B 202 9.61 11.65 34.72
N PRO B 203 9.63 12.68 33.86
CA PRO B 203 9.33 14.06 34.33
C PRO B 203 7.88 14.27 34.72
N ILE B 204 6.96 13.41 34.33
CA ILE B 204 5.55 13.57 34.68
C ILE B 204 5.18 12.67 35.84
N SER B 205 5.48 11.37 35.70
CA SER B 205 5.02 10.42 36.69
C SER B 205 6.06 10.19 37.81
N GLY B 206 7.31 10.55 37.59
CA GLY B 206 8.35 10.20 38.57
C GLY B 206 8.81 8.73 38.54
N GLU B 207 8.23 7.91 37.63
CA GLU B 207 8.64 6.51 37.51
C GLU B 207 10.04 6.38 36.96
N ARG B 208 10.85 5.52 37.57
CA ARG B 208 12.18 5.23 37.00
C ARG B 208 12.08 4.22 35.85
N ALA B 209 12.87 4.39 34.79
CA ALA B 209 12.72 3.52 33.63
C ALA B 209 14.12 3.30 33.08
N LEU B 210 14.41 2.09 32.62
CA LEU B 210 15.67 1.82 31.98
C LEU B 210 15.77 2.52 30.62
N GLN B 211 16.95 3.05 30.34
CA GLN B 211 17.19 3.89 29.17
C GLN B 211 18.34 3.21 28.41
N LEU B 212 18.00 2.25 27.55
CA LEU B 212 18.98 1.37 26.91
C LEU B 212 18.66 1.21 25.45
N GLY B 213 18.62 -0.03 24.96
CA GLY B 213 18.33 -0.29 23.56
C GLY B 213 19.48 -0.21 22.56
N HIS B 214 19.15 -0.40 21.28
CA HIS B 214 20.10 -0.56 20.16
C HIS B 214 21.17 0.56 20.00
N PHE B 215 20.85 1.80 20.39
CA PHE B 215 21.84 2.84 20.24
C PHE B 215 22.94 2.85 21.29
N VAL B 216 22.79 2.10 22.38
CA VAL B 216 23.85 2.03 23.38
C VAL B 216 25.12 1.47 22.77
N LYS B 217 26.20 2.22 22.90
CA LYS B 217 27.50 1.77 22.42
C LYS B 217 28.25 1.10 23.57
N ARG B 218 28.18 1.64 24.78
CA ARG B 218 28.83 0.96 25.91
C ARG B 218 28.36 1.57 27.19
N ILE B 219 28.52 0.85 28.30
CA ILE B 219 28.26 1.41 29.62
C ILE B 219 29.56 2.07 30.05
N LYS B 220 29.48 3.35 30.41
CA LYS B 220 30.65 4.14 30.73
C LYS B 220 31.34 3.61 31.97
N GLY B 221 32.67 3.51 31.90
CA GLY B 221 33.45 3.17 33.09
C GLY B 221 33.76 1.68 33.20
N TYR B 222 33.37 0.89 32.19
CA TYR B 222 33.52 -0.57 32.23
C TYR B 222 34.27 -1.01 31.02
N SER B 223 34.99 -2.12 31.11
CA SER B 223 35.57 -2.74 29.93
C SER B 223 34.48 -3.18 29.00
N LEU B 224 34.81 -3.50 27.76
CA LEU B 224 33.78 -3.92 26.81
C LEU B 224 33.08 -5.19 27.21
N ALA B 225 33.84 -6.13 27.78
CA ALA B 225 33.30 -7.40 28.20
C ALA B 225 32.29 -7.17 29.31
N ASP B 226 32.64 -6.36 30.31
CA ASP B 226 31.76 -6.14 31.44
C ASP B 226 30.51 -5.37 30.98
N SER B 227 30.74 -4.38 30.13
CA SER B 227 29.67 -3.55 29.59
C SER B 227 28.66 -4.44 28.88
N GLN B 228 29.13 -5.41 28.09
CA GLN B 228 28.27 -6.35 27.36
C GLN B 228 27.41 -7.18 28.30
N HIS B 229 28.04 -7.71 29.37
CA HIS B 229 27.32 -8.48 30.38
C HIS B 229 26.26 -7.67 31.10
N LEU B 230 26.63 -6.49 31.55
CA LEU B 230 25.69 -5.64 32.27
C LEU B 230 24.51 -5.20 31.39
N PHE B 231 24.82 -4.84 30.14
CA PHE B 231 23.78 -4.43 29.20
C PHE B 231 22.83 -5.63 28.96
N ALA B 232 23.42 -6.81 28.74
CA ALA B 232 22.62 -8.01 28.51
C ALA B 232 21.65 -8.28 29.65
N VAL B 233 22.11 -8.17 30.92
CA VAL B 233 21.22 -8.31 32.06
C VAL B 233 20.02 -7.31 32.01
N LEU B 234 20.34 -6.02 31.91
CA LEU B 234 19.33 -5.00 32.04
C LEU B 234 18.42 -4.99 30.81
N GLN B 235 19.00 -5.02 29.63
CA GLN B 235 18.20 -5.08 28.40
C GLN B 235 17.35 -6.37 28.32
N GLY B 236 17.83 -7.49 28.93
CA GLY B 236 17.08 -8.73 28.92
C GLY B 236 15.81 -8.59 29.77
N HIS B 237 15.85 -7.75 30.81
CA HIS B 237 14.61 -7.44 31.52
C HIS B 237 13.62 -6.58 30.74
N VAL B 238 14.13 -5.66 29.91
CA VAL B 238 13.25 -4.82 29.03
C VAL B 238 12.44 -5.75 28.12
N THR B 239 13.12 -6.72 27.50
CA THR B 239 12.49 -7.53 26.45
C THR B 239 11.86 -8.83 26.91
N ARG B 240 11.90 -9.09 28.22
CA ARG B 240 11.23 -10.24 28.80
C ARG B 240 9.78 -10.17 28.35
N LEU B 241 9.20 -11.31 27.95
CA LEU B 241 7.91 -11.26 27.24
C LEU B 241 6.81 -10.58 28.09
N GLU B 242 6.86 -10.80 29.40
CA GLU B 242 5.88 -10.24 30.34
C GLU B 242 5.88 -8.72 30.35
N ASN B 243 6.93 -8.11 29.84
CA ASN B 243 6.98 -6.64 29.86
C ASN B 243 6.65 -6.04 28.49
N THR B 244 6.04 -6.83 27.60
CA THR B 244 5.87 -6.36 26.21
C THR B 244 4.46 -6.51 25.78
N VAL B 245 4.10 -5.81 24.69
CA VAL B 245 2.80 -5.98 24.10
C VAL B 245 3.05 -5.95 22.60
N ARG B 246 2.38 -6.84 21.87
CA ARG B 246 2.57 -6.96 20.45
C ARG B 246 1.26 -6.56 19.78
N TRP B 247 1.35 -5.68 18.80
CA TRP B 247 0.12 -5.18 18.13
C TRP B 247 0.10 -5.63 16.70
N ARG B 248 -1.01 -6.23 16.29
CA ARG B 248 -1.23 -6.56 14.89
C ARG B 248 -2.04 -5.41 14.22
N TRP B 249 -1.43 -4.77 13.25
CA TRP B 249 -1.99 -3.56 12.66
C TRP B 249 -3.07 -3.87 11.62
N GLU B 250 -4.09 -3.01 11.60
CA GLU B 250 -5.10 -2.96 10.53
C GLU B 250 -5.13 -1.50 10.07
N ALA B 251 -5.40 -1.24 8.78
CA ALA B 251 -5.38 0.13 8.26
C ALA B 251 -6.31 0.98 9.13
N GLY B 252 -5.87 2.18 9.44
CA GLY B 252 -6.67 3.06 10.29
C GLY B 252 -6.33 2.93 11.79
N ASP B 253 -5.43 2.00 12.15
CA ASP B 253 -5.00 1.90 13.57
C ASP B 253 -4.03 3.03 13.79
N VAL B 254 -4.03 3.57 14.99
CA VAL B 254 -3.07 4.58 15.39
C VAL B 254 -2.48 4.16 16.76
N ALA B 255 -1.15 4.17 16.88
CA ALA B 255 -0.52 3.90 18.17
C ALA B 255 0.16 5.15 18.65
N ILE B 256 0.07 5.43 19.95
CA ILE B 256 0.87 6.49 20.54
C ILE B 256 1.66 5.92 21.71
N TRP B 257 2.96 6.17 21.77
CA TRP B 257 3.71 5.61 22.89
C TRP B 257 4.56 6.67 23.53
N ASP B 258 4.87 6.41 24.80
CA ASP B 258 5.71 7.25 25.64
C ASP B 258 7.13 6.75 25.51
N ASN B 259 7.88 7.44 24.67
CA ASN B 259 9.21 7.08 24.36
C ASN B 259 10.13 7.20 25.58
N ARG B 260 9.66 7.78 26.66
CA ARG B 260 10.52 7.92 27.86
C ARG B 260 10.48 6.66 28.73
N ALA B 261 9.55 5.76 28.42
CA ALA B 261 9.40 4.56 29.26
C ALA B 261 9.14 3.33 28.41
N THR B 262 9.51 3.38 27.15
CA THR B 262 9.36 2.20 26.29
C THR B 262 10.55 1.99 25.40
N GLN B 263 10.58 0.79 24.80
CA GLN B 263 11.35 0.55 23.59
C GLN B 263 10.36 -0.07 22.61
N HIS B 264 10.71 -0.17 21.35
CA HIS B 264 9.82 -0.91 20.46
C HIS B 264 10.63 -1.61 19.38
N TYR B 265 9.98 -2.50 18.63
CA TYR B 265 10.65 -3.32 17.64
C TYR B 265 9.60 -3.55 16.55
N ALA B 266 9.95 -3.34 15.27
CA ALA B 266 9.02 -3.62 14.18
C ALA B 266 9.37 -5.01 13.59
N VAL B 267 8.43 -5.95 13.66
CA VAL B 267 8.70 -7.32 13.20
C VAL B 267 8.80 -7.40 11.67
N ASP B 268 9.92 -7.95 11.18
CA ASP B 268 10.13 -8.04 9.75
C ASP B 268 9.88 -9.48 9.26
N ASP B 269 8.63 -9.89 9.35
CA ASP B 269 8.21 -11.20 8.92
C ASP B 269 7.23 -11.16 7.72
N TYR B 270 7.08 -10.03 7.02
CA TYR B 270 6.00 -9.90 6.03
C TYR B 270 6.45 -9.91 4.60
N GLY B 271 7.75 -10.07 4.39
CA GLY B 271 8.32 -10.24 3.05
C GLY B 271 8.06 -9.04 2.14
N THR B 272 7.41 -9.26 0.98
CA THR B 272 7.16 -8.14 0.08
C THR B 272 5.78 -7.54 0.22
N GLN B 273 5.00 -7.96 1.22
CA GLN B 273 3.70 -7.35 1.42
C GLN B 273 3.92 -5.86 1.76
N PRO B 274 3.25 -4.96 1.04
CA PRO B 274 3.36 -3.52 1.33
C PRO B 274 2.93 -3.19 2.76
N ARG B 275 3.72 -2.34 3.39
CA ARG B 275 3.48 -1.83 4.71
C ARG B 275 3.84 -0.38 4.67
N ILE B 276 2.86 0.46 4.95
CA ILE B 276 3.06 1.91 4.95
C ILE B 276 2.43 2.49 6.20
N VAL B 277 3.25 3.18 6.97
CA VAL B 277 2.80 3.83 8.19
C VAL B 277 3.25 5.29 8.13
N ARG B 278 2.53 6.16 8.82
CA ARG B 278 2.93 7.57 8.85
C ARG B 278 3.05 8.02 10.29
N ARG B 279 4.15 8.70 10.56
CA ARG B 279 4.57 9.00 11.91
C ARG B 279 4.76 10.50 12.16
N VAL B 280 4.22 10.97 13.28
CA VAL B 280 4.63 12.27 13.81
C VAL B 280 5.34 12.06 15.18
N THR B 281 6.50 12.69 15.35
CA THR B 281 7.30 12.57 16.53
C THR B 281 7.23 13.87 17.32
N LEU B 282 7.10 13.79 18.66
CA LEU B 282 6.97 14.98 19.53
C LEU B 282 8.24 15.23 20.34
N ALA B 283 8.65 16.50 20.42
CA ALA B 283 9.89 16.88 21.06
C ALA B 283 9.86 16.50 22.54
N GLY B 284 10.96 15.98 23.04
CA GLY B 284 11.04 15.66 24.46
C GLY B 284 12.08 16.48 25.23
N GLU B 285 12.34 16.07 26.47
CA GLU B 285 13.17 16.83 27.40
C GLU B 285 14.51 16.13 27.58
N VAL B 286 15.46 16.85 28.16
CA VAL B 286 16.72 16.25 28.55
C VAL B 286 16.40 15.31 29.71
N PRO B 287 16.83 14.04 29.59
CA PRO B 287 16.61 13.11 30.70
C PRO B 287 17.32 13.55 31.98
N VAL B 288 16.68 13.26 33.11
CA VAL B 288 17.25 13.47 34.44
C VAL B 288 17.41 12.10 35.12
N GLY B 289 18.60 11.83 35.64
CA GLY B 289 18.86 10.63 36.43
C GLY B 289 18.33 10.69 37.85
N VAL B 290 18.58 9.60 38.59
CA VAL B 290 18.07 9.42 39.97
C VAL B 290 18.68 10.45 40.95
N ASP B 291 19.91 10.85 40.68
CA ASP B 291 20.58 11.85 41.50
C ASP B 291 20.41 13.29 40.99
N GLY B 292 19.64 13.48 39.91
CA GLY B 292 19.34 14.81 39.41
C GLY B 292 20.23 15.25 38.27
N GLN B 293 21.24 14.44 37.91
CA GLN B 293 22.17 14.82 36.84
C GLN B 293 21.48 14.72 35.46
N LEU B 294 21.97 15.48 34.48
CA LEU B 294 21.35 15.58 33.16
C LEU B 294 22.20 14.94 32.09
N SER B 295 21.57 14.34 31.08
CA SER B 295 22.28 13.79 29.93
C SER B 295 23.10 14.87 29.25
N ARG B 296 24.13 14.45 28.51
CA ARG B 296 24.88 15.40 27.68
C ARG B 296 25.49 14.84 26.42
N THR B 297 25.37 15.57 25.32
CA THR B 297 26.06 15.23 24.08
C THR B 297 27.56 15.47 24.25
N THR B 298 28.36 14.48 23.85
CA THR B 298 29.82 14.55 23.93
C THR B 298 30.55 14.59 22.59
N ARG B 299 29.81 14.41 21.48
CA ARG B 299 30.37 14.45 20.13
C ARG B 299 29.26 14.81 19.12
N LYS B 300 29.51 15.79 18.24
CA LYS B 300 28.55 16.13 17.16
C LYS B 300 29.22 16.22 15.79
N LEU C 13 -9.92 -30.13 -0.34
CA LEU C 13 -10.79 -29.34 0.64
C LEU C 13 -10.03 -28.13 1.16
N GLU C 14 -10.62 -26.97 0.93
CA GLU C 14 -9.97 -25.74 1.34
C GLU C 14 -10.70 -25.16 2.55
N LEU C 15 -10.00 -25.10 3.68
CA LEU C 15 -10.57 -24.48 4.88
C LEU C 15 -10.46 -22.98 4.73
N ASP C 16 -11.25 -22.27 5.51
CA ASP C 16 -11.17 -20.80 5.57
C ASP C 16 -9.99 -20.43 6.52
N VAL C 17 -8.79 -20.28 5.96
CA VAL C 17 -7.55 -20.16 6.76
C VAL C 17 -7.03 -18.75 6.76
N HIS C 18 -6.77 -18.19 7.95
CA HIS C 18 -6.29 -16.81 8.13
C HIS C 18 -4.97 -16.74 8.94
N PRO C 19 -3.86 -16.67 8.23
CA PRO C 19 -2.52 -16.57 8.85
C PRO C 19 -2.49 -15.41 9.84
N VAL C 20 -1.87 -15.65 11.00
CA VAL C 20 -1.84 -14.66 12.08
C VAL C 20 -0.51 -13.87 11.92
N ALA C 21 0.66 -14.53 12.03
CA ALA C 21 1.93 -13.83 11.88
C ALA C 21 2.48 -14.19 10.53
N GLY C 22 3.57 -13.57 10.11
CA GLY C 22 4.10 -13.83 8.78
C GLY C 22 4.70 -15.24 8.61
N ARG C 23 5.25 -15.82 9.69
CA ARG C 23 6.02 -17.08 9.51
C ARG C 23 5.46 -18.23 10.29
N ILE C 24 4.36 -17.97 11.00
CA ILE C 24 3.74 -19.00 11.82
C ILE C 24 2.35 -18.61 12.30
N GLY C 25 1.45 -19.60 12.43
CA GLY C 25 0.17 -19.33 13.08
C GLY C 25 -0.93 -19.05 12.06
N ALA C 26 -2.10 -19.70 12.22
CA ALA C 26 -3.26 -19.43 11.33
C ALA C 26 -4.54 -19.71 12.08
N GLU C 27 -5.50 -18.80 11.98
CA GLU C 27 -6.83 -19.06 12.49
C GLU C 27 -7.69 -19.78 11.44
N ILE C 28 -8.42 -20.80 11.86
CA ILE C 28 -9.25 -21.50 10.91
C ILE C 28 -10.71 -21.22 11.33
N ARG C 29 -11.47 -20.61 10.40
CA ARG C 29 -12.88 -20.24 10.63
C ARG C 29 -13.85 -21.26 10.02
N GLY C 30 -15.09 -21.31 10.49
CA GLY C 30 -16.11 -22.12 9.82
C GLY C 30 -16.06 -23.59 10.17
N VAL C 31 -15.33 -23.93 11.23
CA VAL C 31 -15.18 -25.33 11.61
C VAL C 31 -15.54 -25.47 13.07
N LYS C 32 -16.48 -26.36 13.33
CA LYS C 32 -16.88 -26.68 14.69
C LYS C 32 -16.19 -27.99 15.03
N LEU C 33 -15.25 -27.92 15.97
CA LEU C 33 -14.50 -29.09 16.36
C LEU C 33 -15.43 -30.07 17.07
N SER C 34 -15.28 -31.37 16.79
CA SER C 34 -16.11 -32.42 17.44
C SER C 34 -15.57 -33.78 17.07
N PRO C 35 -16.05 -34.81 17.75
CA PRO C 35 -15.62 -36.18 17.43
C PRO C 35 -16.18 -36.64 16.08
N ASP C 36 -17.01 -35.83 15.44
CA ASP C 36 -17.76 -36.27 14.29
C ASP C 36 -17.28 -35.67 12.98
N LEU C 37 -16.18 -34.91 13.02
CA LEU C 37 -15.62 -34.32 11.79
C LEU C 37 -15.26 -35.37 10.74
N ASP C 38 -15.55 -35.09 9.47
CA ASP C 38 -15.25 -36.08 8.43
C ASP C 38 -13.75 -36.16 8.06
N ALA C 39 -13.39 -37.18 7.27
CA ALA C 39 -12.00 -37.46 6.94
C ALA C 39 -11.32 -36.35 6.14
N ALA C 40 -12.05 -35.73 5.23
CA ALA C 40 -11.56 -34.61 4.45
C ALA C 40 -11.20 -33.41 5.38
N THR C 41 -12.04 -33.14 6.37
CA THR C 41 -11.87 -32.04 7.28
C THR C 41 -10.68 -32.32 8.16
N VAL C 42 -10.60 -33.51 8.72
CA VAL C 42 -9.50 -33.88 9.57
C VAL C 42 -8.16 -33.79 8.82
N GLU C 43 -8.15 -34.24 7.56
CA GLU C 43 -6.94 -34.16 6.72
C GLU C 43 -6.54 -32.71 6.44
N ALA C 44 -7.51 -31.85 6.11
CA ALA C 44 -7.21 -30.44 5.92
C ALA C 44 -6.67 -29.76 7.21
N ILE C 45 -7.25 -30.12 8.35
CA ILE C 45 -6.72 -29.66 9.63
C ILE C 45 -5.24 -30.10 9.85
N GLN C 46 -4.95 -31.40 9.66
CA GLN C 46 -3.60 -31.92 9.76
C GLN C 46 -2.64 -31.20 8.81
N ALA C 47 -3.08 -30.94 7.60
CA ALA C 47 -2.25 -30.26 6.66
C ALA C 47 -2.00 -28.82 7.11
N ALA C 48 -3.03 -28.16 7.62
CA ALA C 48 -2.84 -26.75 8.02
C ALA C 48 -1.91 -26.70 9.27
N LEU C 49 -2.00 -27.72 10.11
CA LEU C 49 -1.16 -27.85 11.29
C LEU C 49 0.33 -28.01 10.87
N VAL C 50 0.60 -28.87 9.91
CA VAL C 50 1.95 -29.04 9.45
C VAL C 50 2.53 -27.75 8.84
N ARG C 51 1.69 -27.08 8.05
CA ARG C 51 2.12 -25.91 7.34
C ARG C 51 2.35 -24.72 8.26
N HIS C 52 1.39 -24.44 9.17
CA HIS C 52 1.37 -23.21 9.97
C HIS C 52 1.87 -23.40 11.37
N LYS C 53 2.12 -24.65 11.77
CA LYS C 53 2.76 -25.00 13.05
C LYS C 53 1.89 -24.85 14.29
N VAL C 54 1.08 -23.79 14.33
CA VAL C 54 0.02 -23.69 15.32
C VAL C 54 -1.20 -23.13 14.63
N ILE C 55 -2.38 -23.72 14.93
CA ILE C 55 -3.63 -23.24 14.33
C ILE C 55 -4.62 -22.96 15.44
N PHE C 56 -5.53 -22.05 15.19
CA PHE C 56 -6.46 -21.56 16.20
C PHE C 56 -7.92 -21.64 15.70
N PHE C 57 -8.80 -22.08 16.60
CA PHE C 57 -10.24 -22.17 16.32
C PHE C 57 -10.91 -21.41 17.41
N ARG C 58 -11.66 -20.37 17.06
CA ARG C 58 -12.39 -19.61 18.07
C ARG C 58 -13.86 -20.04 18.19
N GLY C 59 -14.50 -19.69 19.31
CA GLY C 59 -15.93 -19.86 19.51
C GLY C 59 -16.31 -21.31 19.67
N GLN C 60 -15.43 -22.09 20.28
CA GLN C 60 -15.70 -23.52 20.42
C GLN C 60 -16.32 -23.80 21.76
N THR C 61 -17.34 -23.01 22.08
CA THR C 61 -17.98 -23.07 23.41
C THR C 61 -18.81 -24.35 23.68
N HIS C 62 -19.23 -25.01 22.62
CA HIS C 62 -19.91 -26.31 22.69
C HIS C 62 -19.00 -27.43 23.18
N LEU C 63 -17.67 -27.27 23.04
CA LEU C 63 -16.75 -28.35 23.36
C LEU C 63 -16.71 -28.56 24.86
N ASP C 64 -16.78 -29.81 25.29
CA ASP C 64 -16.49 -30.07 26.69
C ASP C 64 -15.38 -31.07 26.74
N ASP C 65 -15.11 -31.59 27.93
CA ASP C 65 -13.96 -32.43 28.12
C ASP C 65 -14.04 -33.71 27.29
N GLN C 66 -15.22 -34.32 27.23
CA GLN C 66 -15.38 -35.55 26.48
C GLN C 66 -15.31 -35.31 24.96
N SER C 67 -15.93 -34.26 24.47
CA SER C 67 -15.88 -34.04 23.03
C SER C 67 -14.49 -33.53 22.59
N GLN C 68 -13.75 -32.84 23.48
CA GLN C 68 -12.37 -32.41 23.19
C GLN C 68 -11.53 -33.67 23.03
N GLU C 69 -11.70 -34.61 23.94
CA GLU C 69 -11.01 -35.88 23.88
C GLU C 69 -11.39 -36.65 22.62
N GLY C 70 -12.68 -36.74 22.32
CA GLY C 70 -13.10 -37.43 21.12
C GLY C 70 -12.59 -36.77 19.85
N PHE C 71 -12.50 -35.45 19.83
CA PHE C 71 -11.96 -34.78 18.66
C PHE C 71 -10.47 -35.12 18.50
N ALA C 72 -9.75 -35.12 19.61
CA ALA C 72 -8.29 -35.34 19.64
C ALA C 72 -7.94 -36.71 19.09
N LYS C 73 -8.77 -37.70 19.38
CA LYS C 73 -8.57 -39.07 18.88
C LYS C 73 -8.60 -39.12 17.36
N LEU C 74 -9.23 -38.12 16.71
CA LEU C 74 -9.17 -38.07 15.26
C LEU C 74 -7.77 -37.70 14.71
N LEU C 75 -6.97 -37.01 15.51
CA LEU C 75 -5.68 -36.50 15.06
C LEU C 75 -4.52 -37.41 15.49
N GLY C 76 -4.74 -38.23 16.50
CA GLY C 76 -3.68 -39.08 17.02
C GLY C 76 -4.13 -39.79 18.26
N GLU C 77 -3.16 -40.29 19.02
CA GLU C 77 -3.42 -41.14 20.19
C GLU C 77 -3.15 -40.39 21.51
N PRO C 78 -4.19 -40.02 22.26
CA PRO C 78 -3.99 -39.28 23.51
C PRO C 78 -3.06 -40.02 24.46
N VAL C 79 -2.20 -39.30 25.17
CA VAL C 79 -1.35 -39.96 26.15
C VAL C 79 -1.95 -39.87 27.55
N ARG C 103 2.04 -22.74 35.23
CA ARG C 103 2.71 -21.44 34.98
C ARG C 103 4.08 -21.49 34.23
N ALA C 104 4.01 -21.80 32.94
CA ALA C 104 5.14 -22.23 32.09
C ALA C 104 5.76 -21.09 31.24
N ASN C 105 6.27 -20.07 31.92
CA ASN C 105 6.82 -18.92 31.25
C ASN C 105 8.30 -19.13 30.96
N SER C 106 8.57 -20.16 30.17
CA SER C 106 9.91 -20.52 29.77
C SER C 106 9.77 -21.21 28.42
N TRP C 107 10.67 -20.93 27.50
CA TRP C 107 10.54 -21.48 26.15
C TRP C 107 10.88 -22.99 26.15
N HIS C 108 10.00 -23.82 25.59
CA HIS C 108 10.25 -25.27 25.60
C HIS C 108 9.45 -25.96 24.53
N THR C 109 9.93 -27.13 24.15
CA THR C 109 9.17 -28.12 23.40
C THR C 109 8.68 -29.13 24.46
N ASP C 110 7.45 -29.65 24.30
CA ASP C 110 6.83 -30.42 25.38
C ASP C 110 7.54 -31.75 25.60
N VAL C 111 7.92 -31.98 26.86
CA VAL C 111 8.43 -33.27 27.32
C VAL C 111 9.64 -33.80 26.54
N THR C 112 10.59 -32.94 26.14
CA THR C 112 11.67 -33.45 25.27
C THR C 112 12.71 -34.26 26.06
N PHE C 113 12.58 -34.31 27.38
CA PHE C 113 13.38 -35.23 28.19
C PHE C 113 13.01 -36.72 28.02
N VAL C 114 11.96 -37.02 27.26
CA VAL C 114 11.68 -38.39 26.88
C VAL C 114 11.97 -38.60 25.41
N GLU C 115 12.11 -39.87 25.04
CA GLU C 115 12.49 -40.28 23.70
C GLU C 115 11.44 -39.95 22.67
N ALA C 116 10.23 -40.47 22.86
CA ALA C 116 9.16 -40.24 21.91
C ALA C 116 8.22 -39.24 22.55
N TYR C 117 8.60 -37.96 22.50
CA TYR C 117 7.77 -36.91 23.10
C TYR C 117 6.57 -36.61 22.19
N PRO C 118 5.57 -35.90 22.71
CA PRO C 118 4.32 -35.68 21.98
C PRO C 118 4.47 -35.04 20.60
N LYS C 119 3.63 -35.42 19.65
CA LYS C 119 3.65 -34.79 18.35
C LYS C 119 2.80 -33.50 18.32
N ALA C 120 1.91 -33.32 19.29
CA ALA C 120 0.95 -32.20 19.28
C ALA C 120 0.19 -32.13 20.57
N SER C 121 -0.37 -30.95 20.82
CA SER C 121 -1.34 -30.76 21.89
C SER C 121 -2.50 -29.97 21.39
N ILE C 122 -3.66 -30.17 22.01
CA ILE C 122 -4.91 -29.46 21.71
C ILE C 122 -5.33 -28.82 23.03
N LEU C 123 -5.38 -27.51 23.05
CA LEU C 123 -5.53 -26.75 24.27
C LEU C 123 -6.66 -25.78 24.11
N ARG C 124 -7.60 -25.89 25.05
CA ARG C 124 -8.81 -25.10 25.00
C ARG C 124 -8.86 -24.20 26.21
N SER C 125 -9.19 -22.94 25.93
CA SER C 125 -9.44 -21.94 26.96
C SER C 125 -10.82 -22.07 27.57
N VAL C 126 -10.87 -22.32 28.88
CA VAL C 126 -12.13 -22.46 29.60
C VAL C 126 -12.41 -21.14 30.34
N VAL C 127 -11.41 -20.61 31.03
CA VAL C 127 -11.47 -19.29 31.67
C VAL C 127 -10.23 -18.52 31.24
N ALA C 128 -10.45 -17.33 30.72
CA ALA C 128 -9.40 -16.52 30.14
C ALA C 128 -9.30 -15.17 30.86
N PRO C 129 -8.13 -14.77 31.38
CA PRO C 129 -8.00 -13.43 31.97
C PRO C 129 -8.43 -12.33 31.03
N ALA C 130 -9.07 -11.30 31.59
CA ALA C 130 -9.43 -10.11 30.86
C ALA C 130 -8.24 -9.38 30.31
N SER C 131 -7.13 -9.35 31.05
CA SER C 131 -5.90 -8.87 30.43
C SER C 131 -4.70 -9.74 30.83
N GLY C 132 -3.77 -9.93 29.88
CA GLY C 132 -2.66 -10.82 30.09
C GLY C 132 -3.03 -12.25 29.78
N GLY C 133 -2.08 -13.16 29.97
CA GLY C 133 -2.35 -14.59 29.82
C GLY C 133 -2.06 -15.17 28.47
N ASP C 134 -1.38 -14.41 27.58
CA ASP C 134 -1.13 -14.87 26.23
C ASP C 134 -0.22 -16.11 26.21
N THR C 135 -0.19 -16.82 25.09
CA THR C 135 0.80 -17.85 24.79
C THR C 135 1.48 -17.47 23.53
N VAL C 136 2.80 -17.71 23.44
CA VAL C 136 3.57 -17.46 22.23
C VAL C 136 4.11 -18.77 21.72
N TRP C 137 4.06 -18.96 20.40
CA TRP C 137 4.73 -20.13 19.77
C TRP C 137 5.85 -19.67 18.87
N ALA C 138 6.87 -20.51 18.71
CA ALA C 138 7.99 -20.23 17.84
C ALA C 138 8.09 -21.33 16.82
N ASN C 139 8.44 -20.98 15.58
CA ASN C 139 8.56 -21.93 14.49
C ASN C 139 10.01 -22.46 14.41
N THR C 140 10.27 -23.69 14.89
CA THR C 140 11.66 -24.12 14.95
C THR C 140 12.17 -24.61 13.59
N ALA C 141 11.27 -24.87 12.65
CA ALA C 141 11.68 -25.14 11.29
C ALA C 141 12.14 -23.88 10.58
N ALA C 142 11.39 -22.78 10.70
CA ALA C 142 11.85 -21.51 10.13
C ALA C 142 13.16 -21.03 10.79
N ALA C 143 13.32 -21.26 12.11
CA ALA C 143 14.54 -20.90 12.79
C ALA C 143 15.75 -21.64 12.22
N TYR C 144 15.60 -22.92 11.93
CA TYR C 144 16.69 -23.66 11.28
C TYR C 144 16.94 -23.12 9.86
N GLN C 145 15.88 -22.91 9.11
CA GLN C 145 16.06 -22.50 7.71
C GLN C 145 16.84 -21.18 7.57
N GLU C 146 16.67 -20.25 8.51
CA GLU C 146 17.31 -18.94 8.39
C GLU C 146 18.82 -18.90 8.78
N LEU C 147 19.34 -19.99 9.36
CA LEU C 147 20.73 -20.00 9.81
C LEU C 147 21.57 -19.96 8.54
N PRO C 148 22.71 -19.27 8.53
CA PRO C 148 23.63 -19.39 7.39
C PRO C 148 24.01 -20.88 7.19
N GLU C 149 24.21 -21.29 5.94
CA GLU C 149 24.49 -22.68 5.62
C GLU C 149 25.59 -23.37 6.45
N PRO C 150 26.73 -22.72 6.74
CA PRO C 150 27.74 -23.35 7.62
C PRO C 150 27.20 -23.62 9.04
N LEU C 151 26.37 -22.73 9.55
CA LEU C 151 25.77 -22.97 10.84
C LEU C 151 24.69 -24.07 10.79
N ARG C 152 23.90 -24.15 9.72
CA ARG C 152 22.98 -25.30 9.57
C ARG C 152 23.74 -26.63 9.57
N GLU C 153 24.90 -26.67 8.90
CA GLU C 153 25.71 -27.89 8.81
C GLU C 153 26.23 -28.29 10.16
N LEU C 154 26.64 -27.32 10.96
CA LEU C 154 27.05 -27.64 12.33
C LEU C 154 25.84 -28.17 13.11
N ALA C 155 24.72 -27.43 13.06
CA ALA C 155 23.52 -27.85 13.83
C ALA C 155 23.14 -29.31 13.46
N ASP C 156 23.23 -29.66 12.17
CA ASP C 156 22.93 -31.02 11.68
C ASP C 156 23.76 -32.12 12.39
N LYS C 157 24.86 -31.74 13.03
CA LYS C 157 25.78 -32.74 13.58
C LYS C 157 25.72 -32.75 15.10
N LEU C 158 25.02 -31.78 15.69
CA LEU C 158 24.95 -31.66 17.12
C LEU C 158 23.87 -32.54 17.75
N TRP C 159 24.19 -33.03 18.96
CA TRP C 159 23.31 -33.76 19.83
C TRP C 159 23.23 -33.06 21.16
N ALA C 160 22.03 -33.08 21.77
CA ALA C 160 21.90 -32.47 23.08
C ALA C 160 21.29 -33.42 24.09
N VAL C 161 21.63 -33.27 25.35
CA VAL C 161 21.00 -33.99 26.42
C VAL C 161 19.84 -33.16 26.97
N HIS C 162 18.65 -33.76 26.99
CA HIS C 162 17.49 -33.12 27.58
C HIS C 162 17.15 -33.83 28.87
N SER C 163 16.80 -33.08 29.89
CA SER C 163 16.55 -33.65 31.21
C SER C 163 15.41 -32.94 31.94
N ASN C 164 14.75 -33.67 32.84
CA ASN C 164 13.69 -33.07 33.68
C ASN C 164 14.14 -32.62 35.08
N GLU C 165 15.43 -32.48 35.34
CA GLU C 165 15.88 -31.81 36.57
C GLU C 165 16.16 -30.33 36.31
N TYR C 192 14.93 -38.55 34.40
CA TYR C 192 14.84 -38.78 32.95
C TYR C 192 15.87 -37.96 32.18
N GLU C 193 16.63 -38.61 31.30
CA GLU C 193 17.61 -37.98 30.41
C GLU C 193 17.59 -38.65 29.07
N THR C 194 17.55 -37.83 28.00
CA THR C 194 17.47 -38.32 26.65
C THR C 194 18.40 -37.50 25.77
N GLU C 195 19.11 -38.17 24.87
CA GLU C 195 19.91 -37.49 23.87
C GLU C 195 19.10 -37.42 22.60
N HIS C 196 18.90 -36.19 22.15
CA HIS C 196 18.21 -35.92 20.90
C HIS C 196 19.14 -35.18 19.94
N PRO C 197 19.00 -35.41 18.66
CA PRO C 197 19.71 -34.57 17.69
C PRO C 197 19.17 -33.14 17.86
N VAL C 198 20.04 -32.16 17.62
CA VAL C 198 19.64 -30.76 17.63
C VAL C 198 18.73 -30.46 16.43
N VAL C 199 18.93 -31.21 15.36
CA VAL C 199 18.08 -31.01 14.18
C VAL C 199 17.27 -32.30 13.98
N ARG C 200 15.93 -32.16 14.02
CA ARG C 200 15.01 -33.24 13.72
C ARG C 200 14.44 -33.10 12.30
N VAL C 201 14.37 -34.20 11.58
CA VAL C 201 13.73 -34.23 10.25
C VAL C 201 12.26 -34.63 10.50
N HIS C 202 11.34 -33.71 10.17
CA HIS C 202 9.91 -33.91 10.46
C HIS C 202 9.42 -35.15 9.67
N PRO C 203 8.74 -36.09 10.33
CA PRO C 203 8.38 -37.37 9.69
C PRO C 203 7.27 -37.27 8.64
N ILE C 204 6.56 -36.14 8.56
CA ILE C 204 5.53 -35.97 7.56
C ILE C 204 6.05 -35.05 6.46
N SER C 205 6.55 -33.87 6.83
CA SER C 205 6.93 -32.88 5.84
C SER C 205 8.39 -33.06 5.38
N GLY C 206 9.22 -33.74 6.18
CA GLY C 206 10.66 -33.72 5.88
C GLY C 206 11.38 -32.39 6.22
N GLU C 207 10.66 -31.39 6.73
CA GLU C 207 11.32 -30.15 7.14
C GLU C 207 12.25 -30.39 8.33
N ARG C 208 13.43 -29.82 8.28
CA ARG C 208 14.32 -29.81 9.45
C ARG C 208 13.95 -28.73 10.47
N ALA C 209 14.06 -29.05 11.74
CA ALA C 209 13.63 -28.15 12.79
C ALA C 209 14.56 -28.29 13.95
N LEU C 210 14.82 -27.17 14.63
CA LEU C 210 15.69 -27.17 15.80
C LEU C 210 14.93 -27.75 16.97
N GLN C 211 15.62 -28.63 17.70
CA GLN C 211 15.03 -29.37 18.79
C GLN C 211 15.79 -28.97 20.06
N LEU C 212 15.37 -27.89 20.72
CA LEU C 212 16.13 -27.30 21.84
C LEU C 212 15.19 -26.96 22.99
N GLY C 213 15.25 -25.71 23.48
CA GLY C 213 14.36 -25.30 24.56
C GLY C 213 14.83 -25.64 25.98
N HIS C 214 13.98 -25.28 26.95
CA HIS C 214 14.27 -25.29 28.39
C HIS C 214 14.82 -26.62 28.92
N PHE C 215 14.42 -27.76 28.36
CA PHE C 215 14.87 -29.06 28.88
C PHE C 215 16.30 -29.43 28.51
N VAL C 216 16.91 -28.68 27.57
CA VAL C 216 18.29 -28.98 27.15
C VAL C 216 19.21 -28.73 28.35
N LYS C 217 19.98 -29.74 28.70
CA LYS C 217 20.95 -29.62 29.79
C LYS C 217 22.32 -29.22 29.23
N ARG C 218 22.73 -29.84 28.13
CA ARG C 218 23.97 -29.45 27.47
C ARG C 218 24.00 -29.99 26.04
N ILE C 219 24.87 -29.41 25.23
CA ILE C 219 25.16 -29.96 23.92
C ILE C 219 26.30 -30.97 24.13
N LYS C 220 26.05 -32.20 23.72
CA LYS C 220 26.99 -33.30 23.90
C LYS C 220 28.32 -33.09 23.17
N GLY C 221 29.41 -33.29 23.89
CA GLY C 221 30.74 -33.23 23.31
C GLY C 221 31.40 -31.88 23.42
N TYR C 222 30.80 -30.94 24.15
CA TYR C 222 31.37 -29.62 24.32
C TYR C 222 31.53 -29.30 25.78
N SER C 223 32.46 -28.41 26.13
CA SER C 223 32.55 -27.89 27.49
C SER C 223 31.29 -27.12 27.81
N LEU C 224 31.07 -26.76 29.07
CA LEU C 224 29.83 -26.10 29.45
C LEU C 224 29.76 -24.72 28.85
N ALA C 225 30.92 -24.06 28.78
CA ALA C 225 31.02 -22.73 28.23
C ALA C 225 30.71 -22.74 26.74
N ASP C 226 31.26 -23.69 25.99
CA ASP C 226 30.98 -23.74 24.56
C ASP C 226 29.52 -24.13 24.31
N SER C 227 29.03 -25.14 25.04
CA SER C 227 27.63 -25.58 25.02
C SER C 227 26.69 -24.37 25.19
N GLN C 228 26.96 -23.51 26.18
CA GLN C 228 26.13 -22.36 26.50
C GLN C 228 26.07 -21.38 25.31
N HIS C 229 27.22 -21.14 24.68
CA HIS C 229 27.34 -20.22 23.54
C HIS C 229 26.63 -20.76 22.31
N LEU C 230 26.80 -22.06 22.04
CA LEU C 230 26.18 -22.68 20.88
C LEU C 230 24.66 -22.74 21.01
N PHE C 231 24.21 -23.12 22.21
CA PHE C 231 22.78 -23.11 22.55
C PHE C 231 22.21 -21.71 22.43
N ALA C 232 22.89 -20.70 22.97
CA ALA C 232 22.40 -19.33 22.89
C ALA C 232 22.21 -18.89 21.44
N VAL C 233 23.16 -19.16 20.55
CA VAL C 233 22.98 -18.88 19.15
C VAL C 233 21.72 -19.56 18.54
N LEU C 234 21.59 -20.87 18.72
CA LEU C 234 20.55 -21.62 18.02
C LEU C 234 19.18 -21.32 18.62
N GLN C 235 19.10 -21.34 19.95
CA GLN C 235 17.87 -21.03 20.66
C GLN C 235 17.46 -19.55 20.37
N GLY C 236 18.43 -18.65 20.25
CA GLY C 236 18.11 -17.25 19.96
C GLY C 236 17.43 -17.13 18.60
N HIS C 237 17.76 -18.00 17.64
CA HIS C 237 17.04 -17.97 16.36
C HIS C 237 15.59 -18.48 16.50
N VAL C 238 15.40 -19.49 17.35
CA VAL C 238 14.06 -19.98 17.63
C VAL C 238 13.17 -18.81 18.16
N THR C 239 13.69 -18.02 19.11
CA THR C 239 12.82 -17.04 19.79
C THR C 239 12.83 -15.63 19.16
N ARG C 240 13.59 -15.45 18.09
CA ARG C 240 13.63 -14.19 17.33
C ARG C 240 12.16 -13.82 17.03
N LEU C 241 11.78 -12.59 17.26
CA LEU C 241 10.35 -12.24 17.15
C LEU C 241 9.72 -12.67 15.83
N GLU C 242 10.47 -12.50 14.74
CA GLU C 242 9.97 -12.87 13.40
C GLU C 242 9.57 -14.34 13.30
N ASN C 243 10.09 -15.20 14.19
CA ASN C 243 9.69 -16.62 14.14
C ASN C 243 8.57 -16.99 15.08
N THR C 244 7.86 -15.99 15.64
CA THR C 244 6.87 -16.29 16.67
C THR C 244 5.49 -15.69 16.37
N VAL C 245 4.51 -16.21 17.09
CA VAL C 245 3.17 -15.66 17.04
C VAL C 245 2.69 -15.68 18.47
N ARG C 246 2.05 -14.58 18.84
CA ARG C 246 1.49 -14.48 20.18
C ARG C 246 -0.04 -14.48 20.12
N TRP C 247 -0.70 -15.29 20.93
CA TRP C 247 -2.15 -15.39 20.85
C TRP C 247 -2.70 -14.89 22.14
N ARG C 248 -3.69 -14.02 22.07
CA ARG C 248 -4.45 -13.62 23.24
C ARG C 248 -5.76 -14.43 23.30
N TRP C 249 -5.93 -15.15 24.41
CA TRP C 249 -6.97 -16.15 24.51
C TRP C 249 -8.31 -15.49 24.90
N GLU C 250 -9.41 -16.00 24.33
CA GLU C 250 -10.79 -15.80 24.77
C GLU C 250 -11.36 -17.17 25.08
N ALA C 251 -12.26 -17.25 26.05
CA ALA C 251 -12.86 -18.53 26.42
C ALA C 251 -13.45 -19.18 25.17
N GLY C 252 -13.29 -20.49 25.04
CA GLY C 252 -13.74 -21.14 23.81
C GLY C 252 -12.73 -21.20 22.67
N ASP C 253 -11.58 -20.52 22.78
CA ASP C 253 -10.50 -20.67 21.80
C ASP C 253 -9.82 -22.02 21.99
N VAL C 254 -9.43 -22.63 20.88
CA VAL C 254 -8.67 -23.87 20.90
C VAL C 254 -7.44 -23.67 20.05
N ALA C 255 -6.26 -24.04 20.60
CA ALA C 255 -5.02 -24.04 19.80
C ALA C 255 -4.53 -25.46 19.63
N ILE C 256 -3.99 -25.74 18.46
CA ILE C 256 -3.36 -27.03 18.21
C ILE C 256 -2.00 -26.73 17.63
N TRP C 257 -0.98 -27.34 18.21
CA TRP C 257 0.36 -27.06 17.66
C TRP C 257 1.14 -28.32 17.40
N ASP C 258 2.07 -28.20 16.44
CA ASP C 258 2.89 -29.31 16.00
C ASP C 258 4.14 -29.21 16.88
N ASN C 259 4.15 -30.02 17.91
CA ASN C 259 5.27 -30.03 18.87
C ASN C 259 6.58 -30.47 18.27
N ARG C 260 6.57 -31.01 17.07
CA ARG C 260 7.81 -31.42 16.44
C ARG C 260 8.54 -30.25 15.78
N ALA C 261 7.86 -29.10 15.64
CA ALA C 261 8.45 -28.00 14.91
C ALA C 261 8.11 -26.65 15.58
N THR C 262 7.81 -26.69 16.89
CA THR C 262 7.60 -25.49 17.66
C THR C 262 8.22 -25.57 19.03
N GLN C 263 8.32 -24.40 19.64
CA GLN C 263 8.39 -24.26 21.08
C GLN C 263 7.24 -23.33 21.47
N HIS C 264 6.89 -23.26 22.76
CA HIS C 264 5.94 -22.26 23.22
C HIS C 264 6.30 -21.74 24.63
N TYR C 265 5.56 -20.71 25.04
CA TYR C 265 5.89 -19.96 26.25
C TYR C 265 4.57 -19.32 26.75
N ALA C 266 4.17 -19.62 27.98
CA ALA C 266 2.95 -19.03 28.51
C ALA C 266 3.33 -17.77 29.30
N VAL C 267 2.81 -16.62 28.86
CA VAL C 267 3.19 -15.34 29.47
C VAL C 267 2.57 -15.18 30.84
N ASP C 268 3.42 -14.90 31.83
CA ASP C 268 2.91 -14.85 33.22
C ASP C 268 2.71 -13.38 33.66
N ASP C 269 1.71 -12.72 33.10
CA ASP C 269 1.55 -11.30 33.35
C ASP C 269 0.14 -10.97 33.84
N TYR C 270 -0.58 -11.94 34.36
CA TYR C 270 -1.99 -11.78 34.65
C TYR C 270 -2.28 -11.87 36.14
N GLY C 271 -1.22 -11.96 36.96
CA GLY C 271 -1.38 -11.89 38.41
C GLY C 271 -2.30 -12.96 38.94
N THR C 272 -3.33 -12.56 39.70
CA THR C 272 -4.27 -13.53 40.27
C THR C 272 -5.55 -13.75 39.44
N GLN C 273 -5.66 -13.18 38.24
CA GLN C 273 -6.79 -13.48 37.40
C GLN C 273 -6.79 -14.96 37.12
N PRO C 274 -7.94 -15.62 37.32
CA PRO C 274 -8.05 -17.06 37.06
C PRO C 274 -7.83 -17.34 35.57
N ARG C 275 -7.10 -18.42 35.29
CA ARG C 275 -6.81 -18.88 33.94
C ARG C 275 -6.97 -20.37 34.00
N ILE C 276 -7.90 -20.88 33.22
CA ILE C 276 -8.11 -22.30 33.19
C ILE C 276 -8.15 -22.77 31.75
N VAL C 277 -7.31 -23.76 31.46
CA VAL C 277 -7.21 -24.29 30.11
C VAL C 277 -7.30 -25.81 30.22
N ARG C 278 -7.79 -26.47 29.18
CA ARG C 278 -7.80 -27.93 29.17
C ARG C 278 -7.07 -28.50 27.99
N ARG C 279 -6.24 -29.49 28.26
CA ARG C 279 -5.27 -29.94 27.30
C ARG C 279 -5.43 -31.42 27.02
N VAL C 280 -5.34 -31.80 25.73
CA VAL C 280 -5.08 -33.19 25.36
C VAL C 280 -3.78 -33.23 24.56
N THR C 281 -2.91 -34.16 24.94
CA THR C 281 -1.62 -34.36 24.32
C THR C 281 -1.62 -35.64 23.48
N LEU C 282 -1.08 -35.58 22.26
CA LEU C 282 -1.04 -36.74 21.38
C LEU C 282 0.35 -37.35 21.28
N ALA C 283 0.42 -38.68 21.30
CA ALA C 283 1.68 -39.42 21.30
C ALA C 283 2.48 -39.14 20.06
N GLY C 284 3.80 -39.03 20.22
CA GLY C 284 4.64 -38.79 19.07
C GLY C 284 5.66 -39.91 18.79
N GLU C 285 6.54 -39.67 17.83
CA GLU C 285 7.51 -40.67 17.36
C GLU C 285 8.86 -40.39 17.95
N VAL C 286 9.76 -41.38 17.90
CA VAL C 286 11.18 -41.15 18.15
C VAL C 286 11.69 -40.21 17.06
N PRO C 287 12.34 -39.09 17.45
CA PRO C 287 12.95 -38.17 16.48
C PRO C 287 14.05 -38.84 15.63
N VAL C 288 14.11 -38.50 14.36
CA VAL C 288 15.19 -38.91 13.47
C VAL C 288 16.00 -37.68 13.07
N GLY C 289 17.32 -37.79 13.18
CA GLY C 289 18.26 -36.74 12.75
C GLY C 289 18.55 -36.77 11.25
N VAL C 290 19.37 -35.84 10.80
CA VAL C 290 19.61 -35.60 9.37
C VAL C 290 20.33 -36.81 8.70
N ASP C 291 21.10 -37.55 9.51
CA ASP C 291 21.84 -38.69 8.99
C ASP C 291 21.09 -39.98 9.29
N GLY C 292 19.90 -39.86 9.87
CA GLY C 292 19.03 -41.01 10.06
C GLY C 292 19.10 -41.64 11.42
N TYR C 293 19.95 -41.14 12.31
CA TYR C 293 19.99 -41.73 13.64
C TYR C 293 18.85 -41.28 14.56
N LEU C 294 18.57 -42.11 15.56
CA LEU C 294 17.37 -41.96 16.41
C LEU C 294 17.74 -41.52 17.81
N SER C 295 16.87 -40.73 18.44
CA SER C 295 17.11 -40.29 19.81
C SER C 295 17.17 -41.50 20.74
N ARG C 296 17.75 -41.33 21.92
CA ARG C 296 17.81 -42.44 22.87
C ARG C 296 17.83 -41.97 24.32
N THR C 297 16.97 -42.56 25.15
CA THR C 297 17.03 -42.34 26.59
C THR C 297 18.30 -42.98 27.15
N THR C 298 19.04 -42.22 27.94
CA THR C 298 20.27 -42.70 28.57
C THR C 298 20.17 -42.86 30.08
N ARG C 299 19.08 -42.38 30.69
CA ARG C 299 18.91 -42.50 32.14
C ARG C 299 17.44 -42.59 32.51
N LEU D 13 -26.91 16.96 5.20
CA LEU D 13 -27.19 15.73 4.38
C LEU D 13 -25.90 15.32 3.65
N GLU D 14 -25.51 14.06 3.83
CA GLU D 14 -24.35 13.53 3.14
C GLU D 14 -24.78 12.50 2.12
N LEU D 15 -24.49 12.78 0.85
CA LEU D 15 -24.76 11.79 -0.20
C LEU D 15 -23.66 10.73 -0.21
N ASP D 16 -23.94 9.60 -0.84
CA ASP D 16 -22.99 8.50 -1.01
C ASP D 16 -22.16 8.85 -2.25
N VAL D 17 -21.07 9.60 -1.99
CA VAL D 17 -20.26 10.21 -3.04
C VAL D 17 -18.97 9.43 -3.30
N HIS D 18 -18.75 9.04 -4.57
CA HIS D 18 -17.52 8.29 -4.95
C HIS D 18 -16.69 8.99 -6.04
N PRO D 19 -15.66 9.73 -5.63
CA PRO D 19 -14.77 10.44 -6.57
C PRO D 19 -14.21 9.48 -7.64
N VAL D 20 -14.13 9.96 -8.88
CA VAL D 20 -13.74 9.14 -10.04
C VAL D 20 -12.24 9.35 -10.31
N ALA D 21 -11.83 10.59 -10.57
CA ALA D 21 -10.40 10.87 -10.79
C ALA D 21 -9.94 11.68 -9.59
N GLY D 22 -8.65 11.93 -9.48
CA GLY D 22 -8.17 12.60 -8.27
C GLY D 22 -8.56 14.07 -8.18
N ARG D 23 -8.84 14.74 -9.30
CA ARG D 23 -9.06 16.19 -9.20
C ARG D 23 -10.37 16.65 -9.79
N ILE D 24 -11.17 15.69 -10.23
CA ILE D 24 -12.48 16.02 -10.77
C ILE D 24 -13.33 14.79 -10.91
N GLY D 25 -14.66 14.93 -10.73
CA GLY D 25 -15.60 13.87 -11.07
C GLY D 25 -15.97 13.05 -9.85
N ALA D 26 -17.27 12.77 -9.68
CA ALA D 26 -17.70 11.89 -8.59
C ALA D 26 -19.01 11.23 -8.96
N GLU D 27 -19.10 9.93 -8.69
CA GLU D 27 -20.36 9.22 -8.86
C GLU D 27 -21.19 9.35 -7.58
N ILE D 28 -22.46 9.62 -7.73
CA ILE D 28 -23.33 9.66 -6.56
C ILE D 28 -24.28 8.45 -6.64
N ARG D 29 -24.26 7.60 -5.61
CA ARG D 29 -25.11 6.41 -5.50
C ARG D 29 -26.32 6.66 -4.60
N GLY D 30 -27.38 5.83 -4.76
CA GLY D 30 -28.50 5.85 -3.85
C GLY D 30 -29.46 6.99 -4.12
N VAL D 31 -29.39 7.60 -5.31
CA VAL D 31 -30.28 8.71 -5.59
C VAL D 31 -30.95 8.44 -6.92
N LYS D 32 -32.29 8.41 -6.87
CA LYS D 32 -33.11 8.34 -8.04
C LYS D 32 -33.48 9.76 -8.46
N LEU D 33 -32.94 10.24 -9.57
CA LEU D 33 -33.30 11.57 -10.07
C LEU D 33 -34.77 11.61 -10.45
N SER D 34 -35.43 12.73 -10.18
CA SER D 34 -36.85 12.91 -10.48
C SER D 34 -37.25 14.34 -10.19
N PRO D 35 -38.43 14.75 -10.67
CA PRO D 35 -38.94 16.10 -10.35
C PRO D 35 -39.35 16.22 -8.88
N ASP D 36 -39.29 15.14 -8.11
CA ASP D 36 -39.89 15.11 -6.78
C ASP D 36 -38.86 15.12 -5.67
N LEU D 37 -37.58 15.34 -6.02
CA LEU D 37 -36.50 15.34 -5.02
C LEU D 37 -36.65 16.49 -3.98
N ASP D 38 -36.43 16.21 -2.71
CA ASP D 38 -36.64 17.28 -1.73
C ASP D 38 -35.51 18.34 -1.75
N ALA D 39 -35.72 19.43 -1.03
CA ALA D 39 -34.77 20.53 -1.04
C ALA D 39 -33.41 20.20 -0.48
N ALA D 40 -33.36 19.36 0.55
CA ALA D 40 -32.09 18.91 1.11
C ALA D 40 -31.24 18.15 0.07
N THR D 41 -31.91 17.30 -0.71
CA THR D 41 -31.26 16.42 -1.68
C THR D 41 -30.76 17.28 -2.80
N VAL D 42 -31.61 18.19 -3.31
CA VAL D 42 -31.23 19.10 -4.39
C VAL D 42 -30.04 19.98 -3.96
N GLU D 43 -30.07 20.49 -2.75
CA GLU D 43 -28.92 21.22 -2.22
C GLU D 43 -27.62 20.36 -2.15
N ALA D 44 -27.72 19.12 -1.66
CA ALA D 44 -26.53 18.29 -1.58
C ALA D 44 -25.97 18.00 -3.00
N ILE D 45 -26.85 17.77 -3.96
CA ILE D 45 -26.47 17.60 -5.36
C ILE D 45 -25.73 18.84 -5.86
N GLN D 46 -26.27 20.04 -5.65
CA GLN D 46 -25.68 21.29 -6.12
C GLN D 46 -24.32 21.48 -5.49
N ALA D 47 -24.20 21.17 -4.19
CA ALA D 47 -22.90 21.27 -3.50
C ALA D 47 -21.87 20.31 -4.10
N ALA D 48 -22.31 19.08 -4.39
CA ALA D 48 -21.40 18.06 -4.93
C ALA D 48 -20.98 18.46 -6.35
N LEU D 49 -21.89 19.11 -7.07
CA LEU D 49 -21.63 19.61 -8.38
C LEU D 49 -20.55 20.71 -8.32
N VAL D 50 -20.68 21.64 -7.39
CA VAL D 50 -19.69 22.72 -7.32
C VAL D 50 -18.30 22.17 -6.96
N ARG D 51 -18.29 21.24 -6.01
CA ARG D 51 -17.05 20.65 -5.52
C ARG D 51 -16.36 19.76 -6.57
N HIS D 52 -17.09 18.91 -7.27
CA HIS D 52 -16.48 17.88 -8.09
C HIS D 52 -16.55 18.21 -9.60
N LYS D 53 -17.29 19.26 -9.94
CA LYS D 53 -17.39 19.84 -11.29
C LYS D 53 -18.16 19.00 -12.26
N VAL D 54 -18.05 17.67 -12.17
CA VAL D 54 -18.98 16.82 -12.88
C VAL D 54 -19.34 15.67 -11.97
N ILE D 55 -20.64 15.35 -11.97
CA ILE D 55 -21.15 14.26 -11.12
C ILE D 55 -21.96 13.30 -11.97
N PHE D 56 -21.95 12.04 -11.57
CA PHE D 56 -22.55 10.98 -12.36
C PHE D 56 -23.56 10.16 -11.52
N PHE D 57 -24.71 9.86 -12.14
CA PHE D 57 -25.72 9.01 -11.52
C PHE D 57 -25.99 7.88 -12.49
N ARG D 58 -25.81 6.63 -12.03
CA ARG D 58 -26.05 5.49 -12.91
C ARG D 58 -27.43 4.90 -12.65
N GLY D 59 -27.91 4.09 -13.61
CA GLY D 59 -29.12 3.29 -13.45
C GLY D 59 -30.36 4.13 -13.36
N GLN D 60 -30.38 5.22 -14.10
CA GLN D 60 -31.53 6.09 -14.07
C GLN D 60 -32.45 5.79 -15.22
N THR D 61 -32.72 4.50 -15.43
CA THR D 61 -33.56 4.03 -16.55
C THR D 61 -35.04 4.43 -16.49
N HIS D 62 -35.54 4.77 -15.30
CA HIS D 62 -36.90 5.29 -15.11
C HIS D 62 -37.09 6.67 -15.74
N LEU D 63 -36.00 7.40 -15.94
CA LEU D 63 -36.09 8.80 -16.35
C LEU D 63 -36.56 8.85 -17.78
N ASP D 64 -37.52 9.69 -18.08
CA ASP D 64 -37.77 9.92 -19.48
C ASP D 64 -37.59 11.36 -19.74
N ASP D 65 -37.94 11.79 -20.94
CA ASP D 65 -37.74 13.16 -21.34
C ASP D 65 -38.45 14.18 -20.46
N GLN D 66 -39.72 13.91 -20.15
CA GLN D 66 -40.48 14.78 -19.24
C GLN D 66 -39.91 14.82 -17.80
N SER D 67 -39.58 13.68 -17.22
CA SER D 67 -39.08 13.72 -15.86
C SER D 67 -37.63 14.29 -15.79
N GLN D 68 -36.86 14.16 -16.87
CA GLN D 68 -35.50 14.69 -16.90
C GLN D 68 -35.64 16.19 -16.88
N GLU D 69 -36.55 16.71 -17.69
CA GLU D 69 -36.85 18.12 -17.71
C GLU D 69 -37.36 18.57 -16.33
N GLY D 70 -38.24 17.80 -15.73
CA GLY D 70 -38.76 18.21 -14.43
C GLY D 70 -37.68 18.18 -13.36
N PHE D 71 -36.78 17.19 -13.42
CA PHE D 71 -35.66 17.19 -12.47
C PHE D 71 -34.77 18.42 -12.70
N ALA D 72 -34.50 18.75 -13.96
CA ALA D 72 -33.60 19.85 -14.28
C ALA D 72 -34.07 21.19 -13.72
N LYS D 73 -35.40 21.42 -13.78
CA LYS D 73 -36.02 22.63 -13.23
C LYS D 73 -35.73 22.79 -11.74
N LEU D 74 -35.42 21.69 -11.05
CA LEU D 74 -35.02 21.83 -9.65
C LEU D 74 -33.64 22.52 -9.48
N LEU D 75 -32.80 22.47 -10.52
CA LEU D 75 -31.40 22.93 -10.39
C LEU D 75 -31.24 24.29 -11.01
N GLY D 76 -32.18 24.70 -11.87
CA GLY D 76 -32.09 26.00 -12.54
C GLY D 76 -33.13 26.13 -13.63
N GLU D 77 -32.94 27.06 -14.55
CA GLU D 77 -33.95 27.37 -15.56
C GLU D 77 -33.52 26.83 -16.92
N PRO D 78 -34.24 25.84 -17.46
CA PRO D 78 -33.88 25.27 -18.75
C PRO D 78 -33.90 26.35 -19.81
N VAL D 79 -33.00 26.29 -20.78
CA VAL D 79 -33.05 27.26 -21.87
C VAL D 79 -33.77 26.64 -23.07
N ALA D 104 -18.94 16.22 -31.16
CA ALA D 104 -18.27 17.35 -30.49
C ALA D 104 -16.87 16.99 -29.92
N ASN D 105 -15.99 16.49 -30.80
CA ASN D 105 -14.67 16.03 -30.36
C ASN D 105 -13.64 17.15 -30.38
N SER D 106 -13.91 18.16 -29.56
CA SER D 106 -13.06 19.34 -29.50
C SER D 106 -13.31 19.94 -28.12
N TRP D 107 -12.25 20.39 -27.43
CA TRP D 107 -12.43 20.85 -26.07
C TRP D 107 -13.17 22.19 -26.06
N HIS D 108 -14.22 22.32 -25.24
CA HIS D 108 -14.97 23.58 -25.21
C HIS D 108 -15.77 23.70 -23.94
N THR D 109 -16.06 24.95 -23.59
CA THR D 109 -17.07 25.27 -22.61
C THR D 109 -18.34 25.65 -23.42
N ASP D 110 -19.53 25.23 -22.99
CA ASP D 110 -20.72 25.30 -23.84
C ASP D 110 -21.12 26.76 -24.13
N VAL D 111 -21.27 27.07 -25.41
CA VAL D 111 -21.88 28.33 -25.87
C VAL D 111 -21.15 29.57 -25.36
N THR D 112 -19.81 29.55 -25.22
CA THR D 112 -19.17 30.72 -24.61
C THR D 112 -19.15 31.94 -25.56
N PHE D 113 -19.56 31.76 -26.80
CA PHE D 113 -19.70 32.89 -27.73
C PHE D 113 -20.86 33.82 -27.34
N VAL D 114 -21.61 33.45 -26.31
CA VAL D 114 -22.65 34.34 -25.77
C VAL D 114 -22.26 34.83 -24.39
N GLU D 115 -22.91 35.94 -24.00
CA GLU D 115 -22.60 36.63 -22.76
C GLU D 115 -22.92 35.78 -21.54
N ALA D 116 -24.18 35.38 -21.39
CA ALA D 116 -24.59 34.61 -20.23
C ALA D 116 -24.79 33.16 -20.69
N TYR D 117 -23.68 32.45 -20.86
CA TYR D 117 -23.74 31.07 -21.33
C TYR D 117 -24.20 30.16 -20.21
N PRO D 118 -24.59 28.94 -20.53
CA PRO D 118 -25.20 28.03 -19.54
C PRO D 118 -24.34 27.77 -18.31
N LYS D 119 -24.96 27.62 -17.15
CA LYS D 119 -24.21 27.28 -15.96
C LYS D 119 -24.02 25.77 -15.83
N ALA D 120 -24.84 24.98 -16.52
CA ALA D 120 -24.80 23.52 -16.34
C ALA D 120 -25.56 22.83 -17.45
N SER D 121 -25.25 21.55 -17.69
CA SER D 121 -26.08 20.66 -18.47
C SER D 121 -26.27 19.37 -17.73
N ILE D 122 -27.38 18.68 -18.05
CA ILE D 122 -27.79 17.39 -17.48
C ILE D 122 -27.97 16.53 -18.71
N LEU D 123 -27.14 15.47 -18.80
CA LEU D 123 -27.04 14.69 -20.01
C LEU D 123 -27.23 13.24 -19.69
N ARG D 124 -28.18 12.61 -20.38
CA ARG D 124 -28.53 11.24 -20.07
C ARG D 124 -28.25 10.38 -21.26
N SER D 125 -27.66 9.20 -20.99
CA SER D 125 -27.40 8.22 -22.00
C SER D 125 -28.64 7.35 -22.26
N VAL D 126 -29.14 7.37 -23.49
CA VAL D 126 -30.30 6.56 -23.89
C VAL D 126 -29.80 5.32 -24.62
N VAL D 127 -28.92 5.52 -25.61
CA VAL D 127 -28.29 4.40 -26.31
C VAL D 127 -26.81 4.68 -26.32
N ALA D 128 -26.04 3.70 -25.87
CA ALA D 128 -24.60 3.81 -25.59
C ALA D 128 -23.87 2.75 -26.42
N PRO D 129 -22.89 3.17 -27.24
CA PRO D 129 -21.99 2.21 -27.93
C PRO D 129 -21.36 1.19 -27.01
N ALA D 130 -21.27 -0.06 -27.47
CA ALA D 130 -20.61 -1.11 -26.70
C ALA D 130 -19.14 -0.83 -26.48
N SER D 131 -18.50 -0.21 -27.47
CA SER D 131 -17.16 0.29 -27.19
C SER D 131 -16.96 1.65 -27.84
N GLY D 132 -16.16 2.48 -27.18
CA GLY D 132 -16.05 3.89 -27.52
C GLY D 132 -17.20 4.73 -26.98
N GLY D 133 -17.18 6.01 -27.39
CA GLY D 133 -18.27 6.94 -27.08
C GLY D 133 -18.08 7.72 -25.80
N ASP D 134 -16.88 7.66 -25.20
CA ASP D 134 -16.65 8.33 -23.91
C ASP D 134 -16.81 9.84 -24.03
N THR D 135 -17.03 10.48 -22.90
CA THR D 135 -16.89 11.92 -22.74
C THR D 135 -15.86 12.23 -21.70
N VAL D 136 -15.07 13.30 -21.90
CA VAL D 136 -14.05 13.69 -20.94
C VAL D 136 -14.40 15.08 -20.48
N TRP D 137 -14.15 15.35 -19.18
CA TRP D 137 -14.35 16.70 -18.67
C TRP D 137 -13.02 17.15 -18.13
N ALA D 138 -12.80 18.45 -18.13
CA ALA D 138 -11.57 19.05 -17.54
C ALA D 138 -11.98 20.08 -16.49
N ASN D 139 -11.24 20.14 -15.38
CA ASN D 139 -11.48 21.08 -14.28
C ASN D 139 -10.73 22.37 -14.55
N THR D 140 -11.43 23.45 -14.97
CA THR D 140 -10.70 24.69 -15.30
C THR D 140 -10.33 25.53 -14.07
N ALA D 141 -10.91 25.19 -12.91
CA ALA D 141 -10.49 25.80 -11.67
C ALA D 141 -9.18 25.24 -11.21
N ALA D 142 -9.05 23.91 -11.22
CA ALA D 142 -7.77 23.29 -10.93
C ALA D 142 -6.70 23.70 -11.92
N ALA D 143 -7.06 23.83 -13.22
CA ALA D 143 -6.07 24.30 -14.20
C ALA D 143 -5.50 25.70 -13.84
N TYR D 144 -6.37 26.61 -13.39
CA TYR D 144 -5.92 27.94 -12.99
C TYR D 144 -5.03 27.86 -11.74
N GLN D 145 -5.47 27.06 -10.78
CA GLN D 145 -4.81 27.02 -9.49
C GLN D 145 -3.37 26.50 -9.66
N GLU D 146 -3.14 25.60 -10.59
CA GLU D 146 -1.80 25.01 -10.73
C GLU D 146 -0.75 25.91 -11.46
N LEU D 147 -1.18 27.00 -12.08
CA LEU D 147 -0.26 27.89 -12.79
C LEU D 147 0.65 28.52 -11.78
N PRO D 148 1.93 28.74 -12.08
CA PRO D 148 2.76 29.59 -11.19
C PRO D 148 2.12 30.95 -10.97
N GLU D 149 2.34 31.51 -9.79
CA GLU D 149 1.70 32.76 -9.39
C GLU D 149 1.83 33.88 -10.45
N PRO D 150 3.02 34.10 -11.05
CA PRO D 150 3.15 35.16 -12.07
C PRO D 150 2.26 34.90 -13.30
N LEU D 151 2.07 33.64 -13.65
CA LEU D 151 1.21 33.28 -14.76
C LEU D 151 -0.27 33.40 -14.40
N ARG D 152 -0.64 33.06 -13.15
CA ARG D 152 -2.02 33.38 -12.71
C ARG D 152 -2.30 34.88 -12.79
N GLU D 153 -1.33 35.70 -12.38
CA GLU D 153 -1.52 37.16 -12.43
C GLU D 153 -1.74 37.68 -13.84
N LEU D 154 -1.01 37.10 -14.80
CA LEU D 154 -1.20 37.51 -16.20
C LEU D 154 -2.60 37.06 -16.61
N ALA D 155 -2.92 35.78 -16.35
CA ALA D 155 -4.24 35.25 -16.72
C ALA D 155 -5.38 36.15 -16.19
N ASP D 156 -5.24 36.61 -14.95
CA ASP D 156 -6.22 37.48 -14.29
C ASP D 156 -6.48 38.78 -15.09
N LYS D 157 -5.57 39.15 -16.00
CA LYS D 157 -5.68 40.43 -16.73
C LYS D 157 -6.11 40.26 -18.17
N LEU D 158 -6.18 39.01 -18.63
CA LEU D 158 -6.46 38.75 -20.03
C LEU D 158 -7.95 38.69 -20.34
N TRP D 159 -8.29 39.09 -21.56
CA TRP D 159 -9.64 39.01 -22.11
C TRP D 159 -9.54 38.26 -23.40
N ALA D 160 -10.54 37.45 -23.71
CA ALA D 160 -10.55 36.77 -25.01
C ALA D 160 -11.83 37.03 -25.77
N VAL D 161 -11.75 36.97 -27.09
CA VAL D 161 -12.95 37.04 -27.92
C VAL D 161 -13.40 35.62 -28.25
N HIS D 162 -14.65 35.31 -27.95
CA HIS D 162 -15.22 34.01 -28.27
C HIS D 162 -16.22 34.23 -29.41
N SER D 163 -16.24 33.30 -30.36
CA SER D 163 -17.07 33.41 -31.55
C SER D 163 -17.63 32.07 -32.02
N ASN D 164 -18.80 32.09 -32.65
CA ASN D 164 -19.31 30.91 -33.30
C ASN D 164 -18.98 30.90 -34.79
N TYR D 192 -22.15 35.80 -33.85
CA TYR D 192 -22.03 36.05 -32.41
C TYR D 192 -20.57 36.17 -31.94
N GLU D 193 -20.23 37.27 -31.28
CA GLU D 193 -18.91 37.49 -30.68
C GLU D 193 -19.05 38.11 -29.30
N THR D 194 -18.32 37.57 -28.33
CA THR D 194 -18.39 38.05 -26.97
C THR D 194 -16.97 38.10 -26.39
N GLU D 195 -16.72 39.11 -25.56
CA GLU D 195 -15.45 39.24 -24.89
C GLU D 195 -15.69 38.76 -23.47
N HIS D 196 -14.89 37.79 -23.04
CA HIS D 196 -14.98 37.28 -21.69
C HIS D 196 -13.60 37.42 -21.07
N PRO D 197 -13.53 37.63 -19.77
CA PRO D 197 -12.26 37.54 -19.07
C PRO D 197 -11.73 36.10 -19.18
N VAL D 198 -10.41 35.96 -19.24
CA VAL D 198 -9.81 34.62 -19.34
C VAL D 198 -10.02 33.89 -17.99
N VAL D 199 -10.18 34.66 -16.93
CA VAL D 199 -10.34 34.07 -15.61
C VAL D 199 -11.72 34.51 -15.08
N ARG D 200 -12.56 33.54 -14.81
CA ARG D 200 -13.89 33.82 -14.24
C ARG D 200 -13.92 33.51 -12.76
N VAL D 201 -14.54 34.40 -11.98
CA VAL D 201 -14.74 34.16 -10.55
C VAL D 201 -16.12 33.51 -10.38
N HIS D 202 -16.10 32.28 -9.86
CA HIS D 202 -17.31 31.47 -9.80
C HIS D 202 -18.29 32.17 -8.82
N PRO D 203 -19.54 32.35 -9.23
CA PRO D 203 -20.53 33.15 -8.42
C PRO D 203 -21.02 32.45 -7.16
N ILE D 204 -20.79 31.13 -7.04
CA ILE D 204 -21.14 30.43 -5.82
C ILE D 204 -19.93 30.16 -4.96
N SER D 205 -18.87 29.59 -5.52
CA SER D 205 -17.73 29.19 -4.68
C SER D 205 -16.69 30.27 -4.57
N GLY D 206 -16.70 31.26 -5.46
CA GLY D 206 -15.57 32.21 -5.55
C GLY D 206 -14.28 31.65 -6.18
N GLU D 207 -14.26 30.38 -6.54
CA GLU D 207 -13.07 29.81 -7.19
C GLU D 207 -12.85 30.46 -8.55
N ARG D 208 -11.61 30.82 -8.86
CA ARG D 208 -11.25 31.30 -10.20
C ARG D 208 -11.04 30.17 -11.20
N ALA D 209 -11.56 30.31 -12.40
CA ALA D 209 -11.45 29.24 -13.37
C ALA D 209 -11.08 29.82 -14.70
N LEU D 210 -10.31 29.08 -15.49
CA LEU D 210 -9.98 29.49 -16.86
C LEU D 210 -11.18 29.37 -17.79
N GLN D 211 -11.41 30.40 -18.59
CA GLN D 211 -12.56 30.47 -19.47
C GLN D 211 -12.04 30.54 -20.91
N LEU D 212 -11.82 29.37 -21.50
CA LEU D 212 -11.13 29.27 -22.78
C LEU D 212 -11.88 28.30 -23.68
N GLY D 213 -11.16 27.34 -24.28
CA GLY D 213 -11.77 26.34 -25.14
C GLY D 213 -11.95 26.74 -26.62
N HIS D 214 -12.63 25.87 -27.38
CA HIS D 214 -12.72 25.89 -28.82
C HIS D 214 -13.27 27.20 -29.43
N PHE D 215 -14.16 27.88 -28.71
CA PHE D 215 -14.80 29.11 -29.24
C PHE D 215 -13.91 30.36 -29.20
N VAL D 216 -12.78 30.29 -28.50
CA VAL D 216 -11.90 31.45 -28.39
C VAL D 216 -11.32 31.73 -29.74
N LYS D 217 -11.50 32.98 -30.18
CA LYS D 217 -10.98 33.39 -31.48
C LYS D 217 -9.59 34.01 -31.29
N ARG D 218 -9.41 34.83 -30.26
CA ARG D 218 -8.08 35.39 -29.96
C ARG D 218 -8.08 35.96 -28.57
N ILE D 219 -6.88 36.15 -28.03
CA ILE D 219 -6.74 36.89 -26.78
C ILE D 219 -6.64 38.37 -27.15
N LYS D 220 -7.49 39.18 -26.56
CA LYS D 220 -7.58 40.59 -26.94
C LYS D 220 -6.31 41.37 -26.56
N GLY D 221 -5.77 42.13 -27.50
CA GLY D 221 -4.66 43.00 -27.22
C GLY D 221 -3.34 42.40 -27.63
N TYR D 222 -3.33 41.25 -28.30
CA TYR D 222 -2.10 40.56 -28.69
C TYR D 222 -2.12 40.28 -30.15
N SER D 223 -0.94 40.20 -30.77
CA SER D 223 -0.84 39.72 -32.15
C SER D 223 -1.38 38.31 -32.20
N LEU D 224 -1.64 37.80 -33.41
CA LEU D 224 -2.18 36.44 -33.54
C LEU D 224 -1.18 35.39 -33.03
N ALA D 225 0.10 35.59 -33.32
CA ALA D 225 1.15 34.69 -32.90
C ALA D 225 1.27 34.63 -31.38
N ASP D 226 1.30 35.79 -30.71
CA ASP D 226 1.39 35.80 -29.26
C ASP D 226 0.11 35.20 -28.64
N SER D 227 -1.03 35.54 -29.23
CA SER D 227 -2.33 35.05 -28.79
C SER D 227 -2.31 33.52 -28.80
N GLN D 228 -1.81 32.94 -29.88
CA GLN D 228 -1.74 31.49 -30.08
C GLN D 228 -0.88 30.84 -28.99
N HIS D 229 0.28 31.43 -28.74
CA HIS D 229 1.19 30.98 -27.70
C HIS D 229 0.59 31.02 -26.28
N LEU D 230 -0.04 32.12 -25.92
CA LEU D 230 -0.63 32.31 -24.61
C LEU D 230 -1.85 31.38 -24.40
N PHE D 231 -2.67 31.29 -25.42
CA PHE D 231 -3.76 30.31 -25.41
C PHE D 231 -3.23 28.89 -25.23
N ALA D 232 -2.20 28.51 -26.01
CA ALA D 232 -1.67 27.15 -25.94
C ALA D 232 -1.19 26.83 -24.51
N VAL D 233 -0.53 27.77 -23.83
CA VAL D 233 -0.08 27.54 -22.47
C VAL D 233 -1.27 27.30 -21.53
N LEU D 234 -2.23 28.21 -21.56
CA LEU D 234 -3.33 28.15 -20.60
C LEU D 234 -4.28 26.98 -20.87
N GLN D 235 -4.67 26.81 -22.13
CA GLN D 235 -5.54 25.74 -22.54
C GLN D 235 -4.81 24.38 -22.31
N GLY D 236 -3.48 24.34 -22.45
CA GLY D 236 -2.74 23.11 -22.22
C GLY D 236 -2.85 22.70 -20.76
N HIS D 237 -3.02 23.66 -19.85
CA HIS D 237 -3.22 23.29 -18.45
C HIS D 237 -4.61 22.75 -18.21
N VAL D 238 -5.59 23.28 -18.95
CA VAL D 238 -6.94 22.74 -18.88
C VAL D 238 -6.94 21.27 -19.26
N THR D 239 -6.26 20.90 -20.33
CA THR D 239 -6.42 19.55 -20.80
C THR D 239 -5.35 18.57 -20.36
N ARG D 240 -4.46 19.00 -19.49
CA ARG D 240 -3.47 18.17 -18.83
C ARG D 240 -4.21 17.00 -18.19
N LEU D 241 -3.75 15.79 -18.50
CA LEU D 241 -4.53 14.62 -18.08
C LEU D 241 -4.97 14.67 -16.62
N GLU D 242 -4.10 15.14 -15.73
CA GLU D 242 -4.35 15.19 -14.27
C GLU D 242 -5.58 16.03 -13.94
N ASN D 243 -6.00 16.89 -14.87
CA ASN D 243 -7.16 17.76 -14.60
C ASN D 243 -8.40 17.24 -15.26
N THR D 244 -8.38 15.99 -15.72
CA THR D 244 -9.53 15.48 -16.44
C THR D 244 -10.11 14.23 -15.87
N VAL D 245 -11.34 13.94 -16.29
CA VAL D 245 -11.97 12.65 -15.95
C VAL D 245 -12.67 12.17 -17.19
N ARG D 246 -12.52 10.87 -17.49
CA ARG D 246 -13.12 10.31 -18.68
C ARG D 246 -14.22 9.31 -18.23
N TRP D 247 -15.39 9.38 -18.83
CA TRP D 247 -16.52 8.54 -18.39
C TRP D 247 -16.92 7.67 -19.54
N ARG D 248 -17.03 6.38 -19.28
CA ARG D 248 -17.58 5.47 -20.28
C ARG D 248 -19.07 5.24 -20.00
N TRP D 249 -19.93 5.59 -20.97
CA TRP D 249 -21.36 5.65 -20.73
C TRP D 249 -22.01 4.28 -20.83
N GLU D 250 -22.99 4.03 -19.96
CA GLU D 250 -23.95 2.91 -20.07
C GLU D 250 -25.33 3.53 -20.10
N ALA D 251 -26.28 2.93 -20.83
CA ALA D 251 -27.65 3.45 -20.92
C ALA D 251 -28.14 3.67 -19.49
N GLY D 252 -28.82 4.82 -19.28
CA GLY D 252 -29.31 5.19 -17.96
C GLY D 252 -28.35 6.01 -17.11
N ASP D 253 -27.13 6.25 -17.59
CA ASP D 253 -26.17 7.12 -16.87
C ASP D 253 -26.59 8.54 -17.10
N VAL D 254 -26.40 9.37 -16.07
CA VAL D 254 -26.69 10.80 -16.18
C VAL D 254 -25.45 11.53 -15.66
N ALA D 255 -24.96 12.49 -16.45
CA ALA D 255 -23.88 13.38 -15.99
C ALA D 255 -24.44 14.78 -15.84
N ILE D 256 -23.99 15.48 -14.79
CA ILE D 256 -24.29 16.89 -14.63
C ILE D 256 -22.96 17.58 -14.42
N TRP D 257 -22.72 18.64 -15.18
CA TRP D 257 -21.48 19.37 -14.99
C TRP D 257 -21.69 20.86 -14.85
N ASP D 258 -20.75 21.47 -14.14
CA ASP D 258 -20.76 22.92 -13.88
C ASP D 258 -19.98 23.53 -15.00
N ASN D 259 -20.72 24.12 -15.94
CA ASN D 259 -20.13 24.67 -17.15
C ASN D 259 -19.30 25.90 -16.85
N ARG D 260 -19.38 26.38 -15.63
CA ARG D 260 -18.61 27.56 -15.27
C ARG D 260 -17.15 27.23 -14.93
N ALA D 261 -16.87 25.95 -14.68
CA ALA D 261 -15.54 25.57 -14.22
C ALA D 261 -15.08 24.29 -14.91
N THR D 262 -15.63 23.99 -16.09
CA THR D 262 -15.20 22.84 -16.87
C THR D 262 -15.15 23.18 -18.34
N GLN D 263 -14.47 22.29 -19.07
CA GLN D 263 -14.61 22.08 -20.48
C GLN D 263 -14.91 20.60 -20.64
N HIS D 264 -15.43 20.21 -21.81
CA HIS D 264 -15.60 18.78 -22.09
C HIS D 264 -15.34 18.45 -23.56
N TYR D 265 -15.28 17.14 -23.84
CA TYR D 265 -14.90 16.66 -25.17
C TYR D 265 -15.59 15.31 -25.39
N ALA D 266 -16.31 15.17 -26.49
CA ALA D 266 -16.95 13.88 -26.78
C ALA D 266 -16.06 13.07 -27.72
N VAL D 267 -15.58 11.91 -27.25
CA VAL D 267 -14.60 11.15 -28.00
C VAL D 267 -15.25 10.50 -29.18
N ASP D 268 -14.75 10.77 -30.40
CA ASP D 268 -15.40 10.22 -31.60
C ASP D 268 -14.69 8.96 -32.09
N ASP D 269 -14.76 7.85 -31.32
CA ASP D 269 -14.01 6.63 -31.68
C ASP D 269 -14.95 5.44 -31.89
N TYR D 270 -16.25 5.69 -32.01
CA TYR D 270 -17.25 4.63 -32.02
C TYR D 270 -17.84 4.29 -33.41
N GLY D 271 -17.38 5.01 -34.43
CA GLY D 271 -17.72 4.73 -35.83
C GLY D 271 -19.21 4.81 -36.02
N THR D 272 -19.84 3.74 -36.51
CA THR D 272 -21.30 3.78 -36.77
C THR D 272 -22.18 3.22 -35.65
N GLN D 273 -21.60 2.86 -34.50
CA GLN D 273 -22.40 2.43 -33.37
C GLN D 273 -23.32 3.54 -32.95
N PRO D 274 -24.61 3.27 -32.84
CA PRO D 274 -25.57 4.32 -32.44
C PRO D 274 -25.27 4.81 -31.04
N ARG D 275 -25.46 6.11 -30.86
CA ARG D 275 -25.22 6.78 -29.62
C ARG D 275 -26.29 7.82 -29.57
N ILE D 276 -27.12 7.73 -28.56
CA ILE D 276 -28.19 8.70 -28.38
C ILE D 276 -28.22 9.15 -26.95
N VAL D 277 -28.19 10.45 -26.75
CA VAL D 277 -28.14 11.06 -25.44
C VAL D 277 -29.22 12.11 -25.41
N ARG D 278 -29.72 12.43 -24.21
CA ARG D 278 -30.65 13.58 -24.11
C ARG D 278 -30.22 14.60 -23.10
N ARG D 279 -30.25 15.87 -23.50
CA ARG D 279 -29.61 16.97 -22.78
C ARG D 279 -30.62 18.07 -22.39
N VAL D 280 -30.54 18.55 -21.15
CA VAL D 280 -31.17 19.79 -20.75
C VAL D 280 -30.06 20.72 -20.27
N THR D 281 -30.08 21.95 -20.75
CA THR D 281 -29.09 22.96 -20.45
C THR D 281 -29.76 24.04 -19.59
N LEU D 282 -29.10 24.50 -18.52
CA LEU D 282 -29.65 25.47 -17.58
C LEU D 282 -28.98 26.83 -17.79
N ALA D 283 -29.80 27.90 -17.76
CA ALA D 283 -29.33 29.27 -18.03
C ALA D 283 -28.29 29.66 -16.98
N GLY D 284 -27.27 30.37 -17.38
CA GLY D 284 -26.26 30.88 -16.46
C GLY D 284 -26.21 32.41 -16.41
N GLU D 285 -25.21 32.92 -15.70
CA GLU D 285 -25.03 34.34 -15.44
C GLU D 285 -23.95 34.94 -16.34
N VAL D 286 -23.93 36.27 -16.42
CA VAL D 286 -22.81 36.97 -17.04
C VAL D 286 -21.59 36.70 -16.16
N PRO D 287 -20.48 36.25 -16.76
CA PRO D 287 -19.23 36.04 -16.02
C PRO D 287 -18.69 37.36 -15.45
N VAL D 288 -18.16 37.31 -14.24
CA VAL D 288 -17.40 38.37 -13.64
C VAL D 288 -15.92 37.98 -13.53
N GLY D 289 -15.04 38.88 -13.97
CA GLY D 289 -13.61 38.73 -13.85
C GLY D 289 -13.10 39.05 -12.46
N VAL D 290 -11.79 38.89 -12.26
CA VAL D 290 -11.12 39.03 -10.96
C VAL D 290 -11.27 40.48 -10.41
N ASP D 291 -11.32 41.43 -11.33
CA ASP D 291 -11.40 42.86 -10.95
C ASP D 291 -12.87 43.36 -10.93
N GLY D 292 -13.82 42.44 -11.14
CA GLY D 292 -15.22 42.76 -11.09
C GLY D 292 -15.86 43.09 -12.42
N GLN D 293 -15.10 43.18 -13.50
CA GLN D 293 -15.65 43.56 -14.82
C GLN D 293 -16.46 42.41 -15.42
N LEU D 294 -17.46 42.76 -16.24
CA LEU D 294 -18.41 41.77 -16.76
C LEU D 294 -18.17 41.53 -18.22
N SER D 295 -18.48 40.30 -18.67
CA SER D 295 -18.37 39.97 -20.10
C SER D 295 -19.33 40.83 -20.94
N ARG D 296 -19.06 40.98 -22.24
CA ARG D 296 -19.95 41.77 -23.08
C ARG D 296 -19.96 41.29 -24.53
N THR D 297 -21.16 41.10 -25.08
CA THR D 297 -21.30 40.82 -26.51
C THR D 297 -20.90 42.07 -27.30
N THR D 298 -20.10 41.89 -28.35
CA THR D 298 -19.62 42.98 -29.19
C THR D 298 -20.11 42.88 -30.63
N ARG D 299 -20.74 41.77 -31.00
CA ARG D 299 -21.25 41.58 -32.36
C ARG D 299 -22.47 40.66 -32.39
#